data_4AIQ
#
_entry.id   4AIQ
#
_cell.length_a   175.980
_cell.length_b   78.690
_cell.length_c   73.430
_cell.angle_alpha   90.00
_cell.angle_beta   97.22
_cell.angle_gamma   90.00
#
_symmetry.space_group_name_H-M   'C 1 2 1'
#
loop_
_entity.id
_entity.type
_entity.pdbx_description
1 polymer 'FERRIC ENTEROBACTIN RECEPTOR'
2 non-polymer 'FE (III) ION'
3 non-polymer IMIDAZOLE
4 water water
#
_entity_poly.entity_id   1
_entity_poly.type   'polypeptide(L)'
_entity_poly.pdbx_seq_one_letter_code
;MHHHHHHSSGLVPRGSGMKETAAAKFERQHMDSPDLGTDDDDKMAENNAKVVLDTVTVKGDRQGSKIRTNIVTLQQKDES
TATDMRELLKEEPSIDFGGGNGTSQFLTLRGMGQNSVDIKVDNAYSDSQILYHQGRFIVDPALVKVVSVQKGAGSASAGI
GATNGAIIAKTVDAQDLLKGLDKNWGVRLNSGFASNEGVSYGASVFGKEGNFDGLFSYNRNDEKEYEAGKGFRNFNGGKT
VPYSALDKRSYLAKIGTTFGDGDHRIVLSHMEDQHRGIRTVREEFTVGDASSRTNITRQAPPYRETTQSNTNLAYTGKDL
GFVEKLDANAYVLEKKRYSADDKDNGYAGNVVGPNHTRITTRGMNFNFDSRLAEQTLLKYGINYRHQEIKPQAFLNGEFE
ISGKKKDPKDPKKEIDKTDEEKAKDKKDMDLVHSYKLSNPTKTDTGAYIEAIHELDGFTLTGGLRYDRFKVKTHDGKTVS
SSNLNPSFGVIWQPHEHWSFSSSHNYASRSPRLYDALQTHGKRGIISIADGTKAERARNTEIGFNYNDGTFAANGSYFWQ
TIKDALANPQNRHVSAAVREAVNAGYIKNHGYELGASYRTGGLTAKVGVSHSKPRFYDTHPKKLLSANPEFGAQVGRAWT
ASLAYRFQNPNLEIGWRGRYVQKAVGSILVAGQKDRNGKLENVVRKGFGVNDVFANWKPLGKDTLNVNLSVNNVFNTFYY
PHSQRWTNTLPGVGRDVRLGVNYKF
;
_entity_poly.pdbx_strand_id   A
#
loop_
_chem_comp.id
_chem_comp.type
_chem_comp.name
_chem_comp.formula
FE non-polymer 'FE (III) ION' 'Fe 3'
IMD non-polymer IMIDAZOLE 'C3 H5 N2 1'
#
# COMPACT_ATOMS: atom_id res chain seq x y z
N ILE A 67 21.06 6.25 -5.99
CA ILE A 67 21.76 5.05 -5.43
C ILE A 67 20.89 4.27 -4.45
N ARG A 68 19.85 4.91 -3.94
CA ARG A 68 18.93 4.34 -2.94
C ARG A 68 17.68 3.74 -3.63
N THR A 69 17.36 2.45 -3.39
CA THR A 69 16.21 1.76 -4.06
C THR A 69 14.86 1.90 -3.32
N ASN A 70 14.91 2.39 -2.10
CA ASN A 70 13.75 2.51 -1.24
C ASN A 70 12.91 3.83 -1.45
N ILE A 71 13.49 4.81 -2.12
CA ILE A 71 12.79 6.02 -2.41
C ILE A 71 12.90 6.41 -3.87
N VAL A 72 11.78 6.79 -4.47
CA VAL A 72 11.88 7.43 -5.76
C VAL A 72 11.28 8.81 -5.84
N THR A 73 12.11 9.74 -6.26
CA THR A 73 11.79 11.15 -6.32
C THR A 73 11.01 11.44 -7.62
N LEU A 74 10.41 12.62 -7.72
CA LEU A 74 9.69 13.03 -8.91
C LEU A 74 10.60 13.05 -10.12
N GLN A 75 11.67 13.83 -10.11
CA GLN A 75 12.50 13.95 -11.29
C GLN A 75 12.95 12.54 -11.78
N GLN A 76 13.24 11.64 -10.85
CA GLN A 76 13.52 10.25 -11.18
C GLN A 76 12.46 9.51 -11.93
N LYS A 77 11.22 9.75 -11.54
CA LYS A 77 10.03 9.16 -12.11
C LYS A 77 9.75 9.80 -13.52
N ASP A 78 10.09 11.07 -13.71
CA ASP A 78 9.98 11.66 -15.03
C ASP A 78 10.88 11.00 -16.10
N GLU A 79 11.93 10.29 -15.65
CA GLU A 79 12.94 9.60 -16.48
C GLU A 79 12.56 8.15 -16.66
N SER A 80 11.33 7.81 -16.27
CA SER A 80 10.86 6.46 -16.15
C SER A 80 9.55 6.36 -16.85
N THR A 81 9.19 5.14 -17.22
CA THR A 81 8.13 4.87 -18.17
C THR A 81 6.93 4.19 -17.49
N ALA A 82 7.08 3.89 -16.19
CA ALA A 82 6.12 3.19 -15.41
C ALA A 82 4.93 4.06 -14.99
N THR A 83 3.75 3.44 -14.85
CA THR A 83 2.58 4.22 -14.57
C THR A 83 1.82 3.63 -13.38
N ASP A 84 2.47 2.73 -12.63
CA ASP A 84 1.99 2.18 -11.33
C ASP A 84 3.16 1.94 -10.38
N MET A 85 2.89 1.88 -9.07
CA MET A 85 3.85 1.56 -8.06
C MET A 85 4.60 0.27 -8.25
N ARG A 86 3.94 -0.86 -8.54
CA ARG A 86 4.68 -2.10 -8.70
C ARG A 86 5.85 -2.01 -9.69
N GLU A 87 5.73 -1.19 -10.74
CA GLU A 87 6.86 -1.11 -11.72
C GLU A 87 7.84 -0.08 -11.22
N LEU A 88 7.30 0.92 -10.57
CA LEU A 88 8.13 1.97 -10.04
C LEU A 88 9.05 1.47 -8.92
N LEU A 89 8.59 0.54 -8.11
CA LEU A 89 9.37 0.13 -6.98
C LEU A 89 10.01 -1.23 -7.22
N LYS A 90 10.22 -1.61 -8.48
CA LYS A 90 10.60 -3.00 -8.69
C LYS A 90 12.02 -3.27 -8.34
N GLU A 91 12.83 -2.22 -8.23
CA GLU A 91 14.17 -2.40 -7.70
C GLU A 91 14.36 -2.48 -6.17
N GLU A 92 13.29 -2.35 -5.41
CA GLU A 92 13.34 -2.43 -3.98
C GLU A 92 13.00 -3.84 -3.54
N PRO A 93 13.97 -4.62 -3.04
CA PRO A 93 13.61 -6.01 -2.90
C PRO A 93 12.62 -6.39 -1.84
N SER A 94 12.45 -5.63 -0.78
CA SER A 94 11.61 -6.12 0.34
C SER A 94 10.12 -5.74 0.21
N ILE A 95 9.76 -5.07 -0.89
CA ILE A 95 8.37 -4.96 -1.26
C ILE A 95 8.17 -5.85 -2.48
N ASP A 96 7.07 -6.58 -2.44
CA ASP A 96 6.63 -7.35 -3.55
C ASP A 96 5.11 -7.11 -3.85
N PHE A 97 4.86 -6.99 -5.15
CA PHE A 97 3.51 -6.94 -5.65
C PHE A 97 3.06 -8.17 -6.36
N GLY A 98 1.75 -8.40 -6.20
CA GLY A 98 1.06 -9.47 -6.90
C GLY A 98 0.85 -9.06 -8.35
N GLY A 99 0.45 -10.05 -9.15
CA GLY A 99 0.04 -9.87 -10.57
C GLY A 99 -1.35 -9.24 -10.78
N GLY A 100 -1.54 -8.78 -12.01
CA GLY A 100 -2.81 -8.23 -12.37
C GLY A 100 -2.78 -6.76 -12.19
N ASN A 101 -3.86 -6.10 -12.54
CA ASN A 101 -3.94 -4.69 -12.65
C ASN A 101 -4.82 -4.18 -11.52
N GLY A 102 -4.61 -2.91 -11.17
CA GLY A 102 -5.33 -2.27 -10.05
C GLY A 102 -5.37 -3.11 -8.80
N THR A 103 -6.56 -3.28 -8.27
CA THR A 103 -6.75 -3.90 -6.97
C THR A 103 -6.77 -5.44 -7.02
N SER A 104 -6.47 -6.02 -8.18
CA SER A 104 -6.02 -7.42 -8.26
C SER A 104 -4.77 -7.59 -7.39
N GLN A 105 -4.01 -6.49 -7.21
CA GLN A 105 -2.64 -6.52 -6.63
C GLN A 105 -2.66 -6.54 -5.10
N PHE A 106 -1.93 -7.49 -4.54
CA PHE A 106 -1.64 -7.52 -3.12
C PHE A 106 -0.19 -7.06 -2.92
N LEU A 107 0.08 -6.55 -1.74
CA LEU A 107 1.35 -5.95 -1.47
C LEU A 107 1.97 -6.65 -0.29
N THR A 108 3.27 -6.93 -0.36
CA THR A 108 3.95 -7.29 0.89
C THR A 108 5.22 -6.50 1.17
N LEU A 109 5.49 -6.33 2.47
CA LEU A 109 6.68 -5.65 3.04
C LEU A 109 7.31 -6.59 3.98
N ARG A 110 8.54 -6.99 3.69
CA ARG A 110 9.20 -8.04 4.47
C ARG A 110 8.26 -9.21 4.62
N GLY A 111 7.50 -9.48 3.57
CA GLY A 111 6.62 -10.66 3.56
C GLY A 111 5.30 -10.53 4.30
N MET A 112 4.92 -9.31 4.71
CA MET A 112 3.74 -9.08 5.55
C MET A 112 2.77 -8.27 4.73
N GLY A 113 1.47 -8.60 4.84
CA GLY A 113 0.50 -8.08 3.90
C GLY A 113 -0.18 -6.80 4.29
N GLN A 114 -1.14 -6.39 3.46
CA GLN A 114 -1.86 -5.12 3.75
C GLN A 114 -2.74 -5.17 5.00
N ASN A 115 -3.07 -6.33 5.52
CA ASN A 115 -3.66 -6.37 6.85
C ASN A 115 -2.79 -5.65 7.95
N SER A 116 -1.53 -5.46 7.65
CA SER A 116 -0.53 -4.94 8.59
C SER A 116 0.14 -3.67 8.02
N VAL A 117 0.38 -3.59 6.68
CA VAL A 117 1.09 -2.47 6.12
C VAL A 117 0.26 -1.45 5.38
N ASP A 118 0.27 -0.19 5.87
CA ASP A 118 -0.51 0.95 5.34
C ASP A 118 0.18 1.76 4.22
N ILE A 119 -0.61 2.28 3.30
CA ILE A 119 -0.15 3.30 2.36
C ILE A 119 -0.67 4.63 2.90
N LYS A 120 0.21 5.58 3.16
CA LYS A 120 -0.25 6.80 3.76
C LYS A 120 0.06 7.80 2.69
N VAL A 121 -0.90 8.57 2.24
CA VAL A 121 -0.60 9.62 1.34
C VAL A 121 -1.05 10.89 1.95
N ASP A 122 -0.17 11.90 1.86
CA ASP A 122 -0.18 13.11 2.65
C ASP A 122 -0.60 12.90 4.06
N ASN A 123 -0.09 11.83 4.62
CA ASN A 123 -0.34 11.56 6.02
C ASN A 123 -1.83 11.28 6.35
N ALA A 124 -2.58 10.79 5.36
CA ALA A 124 -3.94 10.28 5.53
C ALA A 124 -3.94 8.80 5.11
N TYR A 125 -4.47 7.91 5.94
CA TYR A 125 -4.55 6.49 5.61
C TYR A 125 -5.66 5.82 6.42
N SER A 126 -6.29 4.84 5.81
CA SER A 126 -7.22 3.96 6.49
C SER A 126 -6.75 2.48 6.54
N ASP A 127 -7.37 1.67 7.39
CA ASP A 127 -7.02 0.26 7.39
C ASP A 127 -8.11 -0.74 6.98
N SER A 128 -9.22 -0.23 6.46
CA SER A 128 -10.33 -1.13 6.07
C SER A 128 -10.13 -1.63 4.65
N GLN A 129 -10.60 -2.84 4.35
CA GLN A 129 -10.68 -3.29 2.98
C GLN A 129 -12.12 -3.42 2.45
N ILE A 130 -12.21 -3.30 1.12
CA ILE A 130 -13.34 -3.70 0.29
C ILE A 130 -13.67 -5.22 0.39
N LEU A 131 -12.78 -6.12 -0.06
CA LEU A 131 -13.06 -7.56 0.00
C LEU A 131 -11.76 -8.37 -0.04
N TYR A 132 -11.66 -9.43 0.77
CA TYR A 132 -10.51 -10.31 0.80
C TYR A 132 -10.03 -10.89 -0.52
N HIS A 133 -10.84 -10.77 -1.56
CA HIS A 133 -10.43 -11.23 -2.90
C HIS A 133 -9.74 -10.15 -3.71
N GLN A 134 -9.58 -9.00 -3.12
CA GLN A 134 -8.89 -7.90 -3.78
C GLN A 134 -7.92 -7.17 -2.85
N GLY A 135 -6.98 -6.44 -3.42
CA GLY A 135 -6.03 -5.75 -2.57
C GLY A 135 -6.54 -4.39 -2.23
N ARG A 136 -6.04 -3.86 -1.13
CA ARG A 136 -6.33 -2.47 -0.77
C ARG A 136 -5.80 -1.56 -1.89
N PHE A 137 -6.48 -0.44 -2.17
CA PHE A 137 -6.16 0.49 -3.28
C PHE A 137 -4.75 1.06 -3.14
N ILE A 138 -3.99 1.10 -4.23
CA ILE A 138 -2.61 1.59 -4.11
C ILE A 138 -2.60 2.77 -4.99
N VAL A 139 -2.09 3.91 -4.51
CA VAL A 139 -2.21 5.22 -5.20
C VAL A 139 -1.54 5.26 -6.60
N ASP A 140 -1.92 6.27 -7.38
CA ASP A 140 -1.40 6.43 -8.71
C ASP A 140 -0.24 7.39 -8.63
N PRO A 141 0.92 6.87 -9.06
CA PRO A 141 2.17 7.56 -8.98
C PRO A 141 2.17 8.85 -9.68
N ALA A 142 1.30 9.09 -10.63
CA ALA A 142 1.37 10.40 -11.28
C ALA A 142 0.90 11.55 -10.37
N LEU A 143 0.31 11.21 -9.23
CA LEU A 143 -0.05 12.22 -8.27
C LEU A 143 1.05 12.63 -7.29
N VAL A 144 2.18 11.93 -7.27
CA VAL A 144 3.14 12.08 -6.17
C VAL A 144 4.42 12.83 -6.50
N LYS A 145 4.93 13.63 -5.55
CA LYS A 145 6.26 14.19 -5.76
C LYS A 145 7.33 13.25 -5.26
N VAL A 146 7.01 12.34 -4.35
CA VAL A 146 7.98 11.45 -3.75
C VAL A 146 7.29 10.24 -3.10
N VAL A 147 7.95 9.06 -3.16
CA VAL A 147 7.46 7.86 -2.53
C VAL A 147 8.58 7.23 -1.77
N SER A 148 8.28 6.83 -0.54
CA SER A 148 9.20 6.14 0.33
C SER A 148 8.68 4.81 0.76
N VAL A 149 9.55 3.81 0.80
CA VAL A 149 9.25 2.70 1.68
C VAL A 149 10.03 2.79 3.00
N GLN A 150 9.29 2.97 4.10
CA GLN A 150 9.87 2.82 5.42
C GLN A 150 9.66 1.39 5.70
N LYS A 151 10.73 0.62 5.75
CA LYS A 151 10.59 -0.81 6.01
C LYS A 151 10.29 -1.07 7.47
N GLY A 152 10.66 -0.16 8.35
CA GLY A 152 10.74 -0.51 9.77
C GLY A 152 9.52 -0.47 10.67
N ALA A 153 8.97 0.71 10.83
CA ALA A 153 7.84 0.88 11.77
C ALA A 153 7.98 2.34 12.10
N GLY A 154 8.66 2.59 13.22
CA GLY A 154 8.86 3.96 13.61
C GLY A 154 8.43 3.99 15.04
N SER A 155 8.84 5.11 15.61
CA SER A 155 8.77 5.29 17.01
C SER A 155 7.40 5.83 17.46
N ALA A 156 7.41 6.52 18.59
CA ALA A 156 6.19 6.98 19.19
C ALA A 156 5.52 8.00 18.32
N SER A 157 6.25 8.74 17.51
CA SER A 157 5.52 9.73 16.74
C SER A 157 5.18 9.25 15.36
N ALA A 158 5.19 7.95 15.09
CA ALA A 158 4.86 7.54 13.72
C ALA A 158 3.31 7.69 13.47
N GLY A 159 2.47 7.59 14.51
CA GLY A 159 1.01 7.75 14.38
C GLY A 159 0.32 6.46 14.70
N ILE A 160 -0.94 6.35 14.33
CA ILE A 160 -1.78 5.18 14.63
C ILE A 160 -1.45 3.84 13.95
N GLY A 161 -1.34 2.78 14.72
CA GLY A 161 -1.19 1.43 14.14
C GLY A 161 0.12 1.01 13.47
N ALA A 162 1.21 1.75 13.69
CA ALA A 162 2.43 1.55 12.91
C ALA A 162 3.19 0.32 13.40
N THR A 163 2.58 -0.87 13.37
CA THR A 163 3.20 -2.08 13.81
C THR A 163 4.17 -2.56 12.75
N ASN A 164 3.96 -2.17 11.52
CA ASN A 164 4.90 -2.39 10.47
C ASN A 164 5.34 -1.15 9.74
N GLY A 165 5.99 -1.37 8.64
CA GLY A 165 6.47 -0.24 7.88
C GLY A 165 5.29 0.18 7.04
N ALA A 166 5.59 1.04 6.08
CA ALA A 166 4.56 1.67 5.33
C ALA A 166 5.11 2.15 4.02
N ILE A 167 4.24 2.35 3.04
CA ILE A 167 4.55 3.19 1.91
C ILE A 167 4.07 4.57 2.24
N ILE A 168 4.91 5.56 1.98
CA ILE A 168 4.67 6.95 2.32
C ILE A 168 4.80 7.71 1.02
N ALA A 169 3.87 8.60 0.77
CA ALA A 169 3.84 9.30 -0.46
C ALA A 169 3.25 10.66 -0.19
N LYS A 170 3.73 11.64 -0.93
CA LYS A 170 3.28 13.01 -0.79
C LYS A 170 2.89 13.49 -2.14
N THR A 171 1.77 14.19 -2.19
CA THR A 171 1.22 14.61 -3.47
C THR A 171 2.05 15.74 -3.95
N VAL A 172 2.01 15.98 -5.25
CA VAL A 172 2.86 16.91 -5.96
C VAL A 172 2.46 18.36 -5.65
N ASP A 173 3.36 19.30 -5.92
CA ASP A 173 3.27 20.72 -5.52
C ASP A 173 3.55 21.52 -6.71
N ALA A 174 3.13 22.77 -6.66
CA ALA A 174 3.47 23.72 -7.69
C ALA A 174 4.99 23.89 -7.70
N GLN A 175 5.61 24.07 -6.53
CA GLN A 175 7.06 24.22 -6.39
C GLN A 175 7.84 23.11 -7.10
N ASP A 176 7.33 21.89 -7.06
CA ASP A 176 7.90 20.73 -7.67
C ASP A 176 7.81 20.72 -9.21
N LEU A 177 6.68 21.17 -9.72
CA LEU A 177 6.42 21.17 -11.13
C LEU A 177 7.16 22.30 -11.77
N LEU A 178 7.41 23.35 -10.99
CA LEU A 178 8.15 24.50 -11.45
C LEU A 178 9.66 24.27 -11.59
N LYS A 179 10.14 23.11 -11.10
CA LYS A 179 11.57 22.85 -10.99
C LYS A 179 12.22 23.26 -12.32
N GLY A 180 12.00 22.54 -13.40
CA GLY A 180 12.79 22.91 -14.60
C GLY A 180 12.92 24.38 -15.04
N LEU A 181 11.96 25.23 -14.68
CA LEU A 181 11.63 26.44 -15.47
C LEU A 181 12.16 27.76 -14.93
N ASP A 182 12.19 28.77 -15.79
CA ASP A 182 12.69 30.13 -15.41
C ASP A 182 11.46 31.05 -15.31
N LYS A 183 10.48 30.69 -14.48
CA LYS A 183 9.22 31.50 -14.32
C LYS A 183 8.26 30.96 -13.26
N ASN A 184 7.23 31.73 -12.91
CA ASN A 184 6.35 31.36 -11.82
C ASN A 184 5.08 30.60 -12.20
N TRP A 185 4.93 30.24 -13.48
CA TRP A 185 3.70 29.54 -13.93
C TRP A 185 4.08 28.54 -15.01
N GLY A 186 3.27 27.51 -15.19
CA GLY A 186 3.69 26.47 -16.11
C GLY A 186 2.62 25.49 -16.51
N VAL A 187 2.89 24.79 -17.62
CA VAL A 187 2.05 23.69 -18.12
C VAL A 187 2.83 22.40 -18.34
N ARG A 188 2.24 21.28 -17.97
CA ARG A 188 2.90 20.02 -18.20
C ARG A 188 1.99 19.12 -18.97
N LEU A 189 2.58 18.49 -19.99
CA LEU A 189 1.89 17.49 -20.75
C LEU A 189 2.73 16.21 -20.79
N ASN A 190 2.06 15.08 -20.62
CA ASN A 190 2.70 13.78 -20.87
C ASN A 190 1.86 12.89 -21.78
N SER A 191 2.49 11.93 -22.46
CA SER A 191 1.81 10.82 -23.20
C SER A 191 2.60 9.59 -23.04
N GLY A 192 1.92 8.46 -23.01
CA GLY A 192 2.63 7.21 -22.95
C GLY A 192 1.96 6.19 -23.82
N PHE A 193 2.75 5.25 -24.29
CA PHE A 193 2.22 4.19 -25.11
C PHE A 193 2.88 2.90 -24.60
N ALA A 194 2.07 1.86 -24.49
CA ALA A 194 2.58 0.62 -24.05
C ALA A 194 2.15 -0.51 -24.99
N SER A 195 3.11 -1.38 -25.38
CA SER A 195 2.78 -2.45 -26.33
C SER A 195 1.79 -3.44 -25.70
N ASN A 196 1.95 -3.66 -24.41
CA ASN A 196 1.32 -4.76 -23.76
C ASN A 196 0.60 -4.28 -22.49
N GLU A 197 -0.43 -3.44 -22.58
CA GLU A 197 -0.91 -2.80 -23.79
C GLU A 197 -1.67 -1.63 -23.24
N GLY A 198 -1.38 -0.42 -23.67
CA GLY A 198 -2.21 0.70 -23.20
C GLY A 198 -1.74 2.05 -23.65
N VAL A 199 -2.49 3.09 -23.25
CA VAL A 199 -2.12 4.44 -23.58
C VAL A 199 -2.43 5.43 -22.48
N SER A 200 -1.52 6.38 -22.30
CA SER A 200 -1.67 7.27 -21.17
C SER A 200 -1.31 8.63 -21.65
N TYR A 201 -1.93 9.62 -21.02
CA TYR A 201 -1.73 11.05 -21.29
C TYR A 201 -2.25 11.82 -20.08
N GLY A 202 -1.68 13.01 -19.87
CA GLY A 202 -2.23 13.93 -18.94
C GLY A 202 -1.68 15.33 -19.08
N ALA A 203 -2.15 16.20 -18.20
CA ALA A 203 -1.86 17.57 -18.32
C ALA A 203 -2.06 18.24 -16.97
N SER A 204 -1.24 19.26 -16.76
CA SER A 204 -1.11 19.85 -15.47
C SER A 204 -0.80 21.35 -15.64
N VAL A 205 -1.47 22.17 -14.84
CA VAL A 205 -1.23 23.60 -14.79
C VAL A 205 -0.94 24.07 -13.32
N PHE A 206 0.05 24.96 -13.16
CA PHE A 206 0.53 25.27 -11.84
C PHE A 206 1.25 26.59 -11.83
N GLY A 207 1.40 27.18 -10.66
CA GLY A 207 2.24 28.35 -10.54
C GLY A 207 2.15 28.91 -9.14
N LYS A 208 2.87 30.01 -8.94
CA LYS A 208 2.94 30.69 -7.65
C LYS A 208 2.92 32.18 -7.92
N GLU A 209 2.29 32.93 -7.04
CA GLU A 209 2.18 34.41 -7.20
C GLU A 209 1.88 34.99 -5.86
N GLY A 210 2.68 35.98 -5.47
CA GLY A 210 2.49 36.59 -4.17
C GLY A 210 2.79 35.48 -3.17
N ASN A 211 1.91 35.23 -2.23
CA ASN A 211 2.25 34.16 -1.29
C ASN A 211 1.44 32.88 -1.57
N PHE A 212 0.87 32.77 -2.77
CA PHE A 212 0.09 31.61 -3.10
C PHE A 212 0.76 30.65 -4.08
N ASP A 213 0.40 29.37 -3.95
CA ASP A 213 0.78 28.38 -4.93
C ASP A 213 -0.42 27.50 -5.22
N GLY A 214 -0.55 27.12 -6.48
CA GLY A 214 -1.68 26.35 -6.88
C GLY A 214 -1.36 25.47 -8.05
N LEU A 215 -2.16 24.43 -8.13
CA LEU A 215 -1.96 23.39 -9.10
C LEU A 215 -3.24 22.63 -9.47
N PHE A 216 -3.42 22.33 -10.76
CA PHE A 216 -4.42 21.37 -11.16
C PHE A 216 -3.81 20.32 -12.11
N SER A 217 -3.98 19.04 -11.78
CA SER A 217 -3.49 17.88 -12.58
C SER A 217 -4.53 16.86 -12.94
N TYR A 218 -4.56 16.49 -14.21
CA TYR A 218 -5.40 15.44 -14.75
C TYR A 218 -4.49 14.37 -15.32
N ASN A 219 -4.80 13.12 -15.04
CA ASN A 219 -4.06 11.98 -15.61
C ASN A 219 -4.95 10.81 -15.92
N ARG A 220 -4.70 10.17 -17.06
CA ARG A 220 -5.43 8.97 -17.49
C ARG A 220 -4.52 7.91 -18.07
N ASN A 221 -4.69 6.68 -17.61
CA ASN A 221 -3.97 5.53 -18.18
C ASN A 221 -5.00 4.48 -18.67
N ASP A 222 -5.24 4.40 -19.98
CA ASP A 222 -6.18 3.40 -20.48
C ASP A 222 -5.45 2.15 -20.81
N GLU A 223 -5.65 1.15 -19.98
CA GLU A 223 -4.92 -0.07 -20.21
C GLU A 223 -5.88 -1.15 -20.69
N LYS A 224 -5.42 -1.83 -21.73
CA LYS A 224 -6.06 -2.99 -22.31
C LYS A 224 -5.63 -4.22 -21.51
N GLU A 225 -6.13 -5.40 -21.88
CA GLU A 225 -5.79 -6.61 -21.21
C GLU A 225 -4.36 -6.94 -21.62
N TYR A 226 -3.57 -7.34 -20.64
CA TYR A 226 -2.14 -7.46 -20.84
C TYR A 226 -1.84 -8.91 -21.18
N GLU A 227 -0.79 -9.15 -21.92
CA GLU A 227 -0.46 -10.53 -22.13
C GLU A 227 0.75 -11.02 -21.35
N ALA A 228 0.62 -12.25 -20.84
CA ALA A 228 1.65 -12.84 -20.01
C ALA A 228 2.81 -13.26 -20.85
N GLY A 229 3.79 -13.90 -20.23
CA GLY A 229 5.02 -14.26 -20.95
C GLY A 229 4.86 -15.59 -21.65
N LYS A 230 5.83 -15.91 -22.54
CA LYS A 230 5.84 -17.14 -23.38
C LYS A 230 5.32 -18.41 -22.68
N GLY A 231 4.18 -18.90 -23.15
CA GLY A 231 3.66 -20.19 -22.67
C GLY A 231 2.31 -20.14 -21.98
N PHE A 232 1.88 -18.96 -21.54
CA PHE A 232 0.60 -18.84 -20.83
C PHE A 232 -0.55 -18.85 -21.79
N ARG A 233 -1.56 -19.64 -21.46
CA ARG A 233 -2.80 -19.64 -22.20
C ARG A 233 -3.98 -19.30 -21.27
N ASN A 234 -4.82 -18.36 -21.73
CA ASN A 234 -6.27 -18.21 -21.44
C ASN A 234 -7.10 -19.45 -21.38
N PHE A 235 -8.22 -19.37 -20.67
CA PHE A 235 -9.35 -20.31 -20.86
C PHE A 235 -9.83 -20.46 -22.35
N ASN A 236 -9.70 -19.44 -23.20
CA ASN A 236 -10.01 -19.58 -24.65
C ASN A 236 -8.81 -19.54 -25.62
N GLY A 237 -7.69 -20.08 -25.15
CA GLY A 237 -6.49 -20.28 -25.94
C GLY A 237 -5.58 -19.08 -26.21
N GLY A 238 -6.06 -17.86 -25.94
CA GLY A 238 -5.28 -16.63 -26.16
C GLY A 238 -4.23 -16.28 -25.09
N LYS A 239 -3.44 -15.24 -25.35
CA LYS A 239 -2.28 -14.88 -24.58
C LYS A 239 -2.59 -13.86 -23.45
N THR A 240 -3.66 -13.11 -23.60
CA THR A 240 -3.95 -12.07 -22.64
C THR A 240 -4.60 -12.57 -21.28
N VAL A 241 -4.74 -11.68 -20.30
CA VAL A 241 -5.35 -12.02 -19.03
C VAL A 241 -6.75 -11.40 -19.04
N PRO A 242 -7.78 -12.24 -19.12
CA PRO A 242 -9.13 -11.73 -19.19
C PRO A 242 -9.47 -10.73 -18.06
N TYR A 243 -9.99 -9.56 -18.43
CA TYR A 243 -10.64 -8.66 -17.46
C TYR A 243 -9.60 -7.99 -16.60
N SER A 244 -8.49 -7.70 -17.26
CA SER A 244 -7.37 -7.04 -16.69
C SER A 244 -7.25 -5.64 -17.25
N ALA A 245 -8.25 -5.21 -18.02
CA ALA A 245 -8.34 -3.83 -18.56
C ALA A 245 -8.84 -2.92 -17.46
N LEU A 246 -8.21 -1.79 -17.24
CA LEU A 246 -8.86 -0.78 -16.42
C LEU A 246 -8.58 0.53 -17.06
N ASP A 247 -9.61 1.36 -17.11
CA ASP A 247 -9.48 2.76 -17.50
C ASP A 247 -9.21 3.59 -16.22
N LYS A 248 -7.94 4.00 -16.05
CA LYS A 248 -7.52 4.68 -14.80
C LYS A 248 -7.42 6.22 -14.90
N ARG A 249 -8.21 6.92 -14.07
CA ARG A 249 -8.21 8.38 -14.05
C ARG A 249 -7.98 8.99 -12.68
N SER A 250 -7.21 10.07 -12.65
CA SER A 250 -6.88 10.73 -11.42
C SER A 250 -6.71 12.19 -11.62
N TYR A 251 -7.15 12.97 -10.66
CA TYR A 251 -6.77 14.37 -10.62
C TYR A 251 -6.41 14.94 -9.25
N LEU A 252 -5.73 16.07 -9.29
CA LEU A 252 -5.35 16.75 -8.08
C LEU A 252 -5.60 18.27 -8.16
N ALA A 253 -6.34 18.83 -7.19
CA ALA A 253 -6.38 20.28 -7.13
C ALA A 253 -5.70 20.68 -5.83
N LYS A 254 -4.77 21.62 -5.91
CA LYS A 254 -4.03 22.00 -4.72
C LYS A 254 -3.85 23.52 -4.64
N ILE A 255 -4.26 24.12 -3.52
CA ILE A 255 -3.87 25.51 -3.24
C ILE A 255 -3.24 25.61 -1.85
N GLY A 256 -2.20 26.42 -1.79
CA GLY A 256 -1.43 26.56 -0.60
C GLY A 256 -1.07 28.01 -0.47
N THR A 257 -0.79 28.42 0.75
CA THR A 257 -0.34 29.79 1.00
C THR A 257 0.77 29.85 2.06
N THR A 258 1.67 30.81 1.93
CA THR A 258 2.75 30.91 2.91
C THR A 258 2.73 32.28 3.46
N PHE A 259 2.55 32.41 4.77
CA PHE A 259 2.39 33.72 5.37
C PHE A 259 3.13 33.73 6.65
N GLY A 260 3.00 34.81 7.43
CA GLY A 260 3.66 34.97 8.72
C GLY A 260 5.15 35.21 8.60
N ASP A 261 5.52 35.90 7.53
CA ASP A 261 6.89 36.28 7.23
C ASP A 261 7.61 34.99 6.94
N GLY A 262 6.94 34.18 6.11
CA GLY A 262 7.48 32.89 5.66
C GLY A 262 7.51 31.77 6.70
N ASP A 263 6.90 31.96 7.87
CA ASP A 263 6.94 30.95 8.95
C ASP A 263 5.80 29.94 8.97
N HIS A 264 4.71 30.26 8.30
CA HIS A 264 3.51 29.53 8.39
C HIS A 264 3.12 29.14 6.95
N ARG A 265 2.62 27.93 6.78
CA ARG A 265 2.12 27.42 5.53
C ARG A 265 0.80 26.63 5.72
N ILE A 266 -0.19 26.90 4.83
CA ILE A 266 -1.48 26.18 4.76
C ILE A 266 -1.66 25.60 3.36
N VAL A 267 -1.98 24.31 3.33
CA VAL A 267 -2.25 23.65 2.06
C VAL A 267 -3.61 22.93 2.15
N LEU A 268 -4.43 23.22 1.15
CA LEU A 268 -5.72 22.57 0.93
C LEU A 268 -5.69 21.79 -0.38
N SER A 269 -6.04 20.55 -0.32
CA SER A 269 -5.95 19.78 -1.54
C SER A 269 -7.12 18.82 -1.68
N HIS A 270 -7.47 18.50 -2.93
CA HIS A 270 -8.44 17.44 -3.19
C HIS A 270 -7.94 16.47 -4.23
N MET A 271 -7.96 15.18 -3.95
CA MET A 271 -7.48 14.25 -4.95
C MET A 271 -8.46 13.04 -5.23
N GLU A 272 -8.74 12.76 -6.53
CA GLU A 272 -9.55 11.57 -6.93
C GLU A 272 -8.71 10.58 -7.69
N ASP A 273 -8.98 9.31 -7.54
CA ASP A 273 -8.24 8.33 -8.25
C ASP A 273 -9.23 7.21 -8.49
N GLN A 274 -9.49 6.93 -9.75
CA GLN A 274 -10.62 6.08 -10.14
C GLN A 274 -10.23 4.99 -11.13
N HIS A 275 -10.39 3.72 -10.77
CA HIS A 275 -10.22 2.65 -11.77
C HIS A 275 -11.61 2.27 -12.25
N ARG A 276 -11.77 2.24 -13.56
CA ARG A 276 -13.07 1.86 -14.13
C ARG A 276 -12.88 0.80 -15.22
N GLY A 277 -13.57 -0.33 -15.14
CA GLY A 277 -13.61 -1.30 -16.26
C GLY A 277 -14.45 -2.56 -16.05
N ILE A 278 -14.33 -3.56 -16.95
CA ILE A 278 -15.04 -4.84 -16.78
C ILE A 278 -14.18 -5.74 -15.91
N ARG A 279 -14.67 -5.98 -14.68
CA ARG A 279 -13.90 -6.62 -13.63
C ARG A 279 -14.68 -7.70 -12.91
N THR A 280 -14.01 -8.84 -12.74
CA THR A 280 -14.50 -10.07 -12.09
C THR A 280 -15.04 -9.86 -10.70
N VAL A 281 -15.73 -10.87 -10.17
CA VAL A 281 -16.25 -10.84 -8.82
C VAL A 281 -15.02 -10.71 -7.88
N ARG A 282 -14.10 -11.67 -8.04
CA ARG A 282 -12.89 -11.85 -7.28
C ARG A 282 -11.67 -11.34 -8.07
N GLU A 283 -11.16 -10.15 -7.73
CA GLU A 283 -10.24 -9.47 -8.63
C GLU A 283 -8.88 -10.14 -8.66
N GLU A 284 -8.55 -10.89 -7.59
CA GLU A 284 -7.33 -11.67 -7.51
C GLU A 284 -7.24 -12.85 -8.48
N PHE A 285 -8.35 -13.23 -9.12
CA PHE A 285 -8.40 -14.33 -10.10
C PHE A 285 -8.88 -13.78 -11.47
N THR A 286 -8.45 -14.40 -12.57
CA THR A 286 -9.20 -14.27 -13.84
C THR A 286 -10.31 -15.36 -14.02
N VAL A 287 -10.57 -15.68 -15.29
CA VAL A 287 -11.49 -16.73 -15.75
C VAL A 287 -10.68 -17.97 -16.09
N GLY A 288 -11.03 -19.10 -15.47
CA GLY A 288 -10.48 -20.41 -15.87
C GLY A 288 -11.49 -21.07 -16.79
N ASP A 289 -11.29 -22.34 -17.13
CA ASP A 289 -12.30 -23.09 -17.92
C ASP A 289 -13.63 -23.35 -17.16
N ALA A 290 -14.61 -23.95 -17.85
CA ALA A 290 -15.97 -24.26 -17.32
C ALA A 290 -16.01 -25.26 -16.17
N SER A 291 -15.01 -26.17 -16.13
CA SER A 291 -14.80 -27.10 -15.01
C SER A 291 -14.40 -26.42 -13.68
N SER A 292 -13.37 -25.57 -13.71
CA SER A 292 -12.78 -24.88 -12.51
C SER A 292 -13.72 -23.90 -11.82
N ARG A 293 -13.54 -23.71 -10.51
CA ARG A 293 -14.31 -22.73 -9.71
C ARG A 293 -14.20 -21.29 -10.22
N THR A 294 -13.48 -21.10 -11.32
CA THR A 294 -13.04 -19.78 -11.77
C THR A 294 -13.67 -19.40 -13.15
N ASN A 295 -14.76 -20.11 -13.49
CA ASN A 295 -15.45 -19.97 -14.79
C ASN A 295 -16.21 -18.63 -14.99
N ILE A 296 -16.63 -18.38 -16.24
CA ILE A 296 -17.22 -17.10 -16.70
C ILE A 296 -18.53 -16.65 -15.97
N THR A 297 -19.27 -17.62 -15.44
CA THR A 297 -20.54 -17.30 -14.80
C THR A 297 -20.38 -17.25 -13.29
N ARG A 298 -19.34 -17.93 -12.76
CA ARG A 298 -18.91 -17.82 -11.32
C ARG A 298 -18.07 -16.55 -11.02
N GLN A 299 -17.27 -16.13 -12.02
CA GLN A 299 -16.46 -14.90 -11.98
C GLN A 299 -17.21 -13.63 -12.47
N ALA A 300 -18.27 -13.88 -13.26
CA ALA A 300 -19.41 -12.97 -13.57
C ALA A 300 -19.17 -11.45 -13.70
N PRO A 301 -18.27 -11.05 -14.65
CA PRO A 301 -17.76 -9.66 -14.79
C PRO A 301 -18.75 -8.62 -15.38
N PRO A 302 -19.31 -7.76 -14.52
CA PRO A 302 -19.98 -6.48 -14.89
C PRO A 302 -19.05 -5.26 -14.86
N TYR A 303 -19.59 -4.09 -15.16
CA TYR A 303 -18.81 -2.86 -15.19
C TYR A 303 -18.71 -2.34 -13.75
N ARG A 304 -17.53 -1.87 -13.41
CA ARG A 304 -17.26 -1.40 -12.04
C ARG A 304 -16.39 -0.13 -12.07
N GLU A 305 -16.60 0.71 -11.07
CA GLU A 305 -15.78 1.87 -10.80
C GLU A 305 -15.32 1.79 -9.35
N THR A 306 -14.01 1.65 -9.12
CA THR A 306 -13.38 1.70 -7.79
C THR A 306 -12.58 2.99 -7.62
N THR A 307 -12.91 3.76 -6.59
CA THR A 307 -12.34 5.10 -6.38
C THR A 307 -11.77 5.44 -4.95
N GLN A 308 -10.56 6.00 -4.92
CA GLN A 308 -10.01 6.66 -3.77
C GLN A 308 -10.05 8.17 -3.89
N SER A 309 -10.57 8.81 -2.86
CA SER A 309 -10.61 10.27 -2.75
C SER A 309 -10.04 10.79 -1.45
N ASN A 310 -9.55 12.01 -1.48
CA ASN A 310 -8.85 12.53 -0.35
C ASN A 310 -8.85 13.99 -0.35
N THR A 311 -9.48 14.59 0.66
CA THR A 311 -9.53 16.02 0.86
C THR A 311 -8.70 16.35 2.12
N ASN A 312 -7.66 17.16 1.96
CA ASN A 312 -6.65 17.32 3.01
C ASN A 312 -6.44 18.80 3.30
N LEU A 313 -6.41 19.15 4.57
CA LEU A 313 -6.03 20.49 4.95
C LEU A 313 -4.75 20.36 5.80
N ALA A 314 -3.64 20.93 5.34
CA ALA A 314 -2.31 20.77 6.00
C ALA A 314 -1.76 22.11 6.52
N TYR A 315 -1.34 22.08 7.77
CA TYR A 315 -0.74 23.27 8.38
C TYR A 315 0.71 23.01 8.81
N THR A 316 1.58 24.03 8.68
CA THR A 316 2.99 24.00 9.09
C THR A 316 3.49 25.31 9.70
N GLY A 317 3.74 25.33 11.00
CA GLY A 317 4.41 26.49 11.62
C GLY A 317 5.79 26.28 12.24
N LYS A 318 6.69 27.28 12.07
CA LYS A 318 7.96 27.47 12.85
C LYS A 318 7.91 28.64 13.86
N ASP A 319 8.79 28.61 14.85
CA ASP A 319 9.04 29.71 15.80
C ASP A 319 7.77 30.26 16.45
N LEU A 320 6.89 29.37 16.91
CA LEU A 320 5.65 29.77 17.52
C LEU A 320 5.72 29.76 19.05
N GLY A 321 6.55 30.64 19.60
CA GLY A 321 6.62 30.77 21.06
C GLY A 321 7.55 29.70 21.52
N PHE A 322 7.11 28.92 22.51
CA PHE A 322 7.89 27.75 23.01
C PHE A 322 7.73 26.43 22.20
N VAL A 323 6.94 26.50 21.13
CA VAL A 323 6.86 25.46 20.15
C VAL A 323 7.68 25.86 18.94
N GLU A 324 8.66 25.05 18.61
CA GLU A 324 9.60 25.38 17.57
C GLU A 324 9.03 25.02 16.19
N LYS A 325 8.34 23.89 16.10
CA LYS A 325 7.75 23.41 14.84
C LYS A 325 6.41 22.80 15.18
N LEU A 326 5.38 23.12 14.43
CA LEU A 326 4.09 22.41 14.54
C LEU A 326 3.66 21.88 13.17
N ASP A 327 3.29 20.61 13.06
CA ASP A 327 2.76 20.07 11.79
C ASP A 327 1.38 19.47 12.09
N ALA A 328 0.35 19.91 11.35
CA ALA A 328 -1.05 19.49 11.62
C ALA A 328 -1.70 19.17 10.35
N ASN A 329 -2.62 18.25 10.39
CA ASN A 329 -3.39 17.99 9.23
C ASN A 329 -4.80 17.50 9.60
N ALA A 330 -5.78 17.79 8.77
CA ALA A 330 -7.15 17.23 8.96
C ALA A 330 -7.56 16.69 7.60
N TYR A 331 -8.12 15.50 7.53
CA TYR A 331 -8.53 15.01 6.19
C TYR A 331 -9.86 14.26 6.17
N VAL A 332 -10.51 14.19 5.00
CA VAL A 332 -11.51 13.13 4.71
C VAL A 332 -11.10 12.14 3.58
N LEU A 333 -11.17 10.85 3.87
CA LEU A 333 -10.76 9.86 2.89
C LEU A 333 -11.89 8.87 2.59
N GLU A 334 -12.31 8.84 1.32
CA GLU A 334 -13.42 7.96 0.85
C GLU A 334 -12.84 6.92 -0.04
N LYS A 335 -13.30 5.71 0.14
CA LYS A 335 -13.06 4.61 -0.78
C LYS A 335 -14.55 4.33 -1.23
N LYS A 336 -14.83 4.25 -2.56
CA LYS A 336 -16.16 3.82 -3.08
C LYS A 336 -16.03 2.63 -4.01
N ARG A 337 -17.02 1.75 -3.98
CA ARG A 337 -17.11 0.74 -4.99
C ARG A 337 -18.43 0.96 -5.63
N TYR A 338 -18.40 1.02 -6.96
CA TYR A 338 -19.61 1.05 -7.77
C TYR A 338 -19.66 -0.16 -8.69
N SER A 339 -20.70 -0.94 -8.50
CA SER A 339 -21.01 -1.92 -9.52
C SER A 339 -22.18 -1.48 -10.39
N ALA A 340 -22.03 -1.71 -11.70
CA ALA A 340 -23.16 -1.62 -12.67
C ALA A 340 -24.26 -2.66 -12.37
N ASP A 341 -23.89 -3.90 -12.03
CA ASP A 341 -24.87 -4.95 -11.69
C ASP A 341 -24.21 -5.99 -10.80
N ASP A 342 -24.64 -6.10 -9.55
CA ASP A 342 -24.03 -7.06 -8.65
C ASP A 342 -24.81 -8.36 -8.61
N LYS A 343 -25.77 -8.48 -9.51
CA LYS A 343 -26.70 -9.61 -9.64
C LYS A 343 -26.05 -11.00 -9.35
N ASP A 344 -24.91 -11.26 -9.97
CA ASP A 344 -24.26 -12.58 -9.88
C ASP A 344 -23.03 -12.64 -8.94
N ASN A 345 -23.00 -11.67 -8.01
CA ASN A 345 -21.97 -11.48 -7.03
C ASN A 345 -22.59 -11.72 -5.66
N GLY A 346 -22.27 -12.87 -5.08
CA GLY A 346 -22.84 -13.33 -3.80
C GLY A 346 -22.44 -12.46 -2.64
N TYR A 347 -21.16 -12.03 -2.68
CA TYR A 347 -20.48 -11.23 -1.63
C TYR A 347 -21.21 -9.92 -1.38
N ALA A 348 -21.55 -9.24 -2.50
CA ALA A 348 -22.29 -7.97 -2.56
C ALA A 348 -23.80 -8.16 -2.34
N GLY A 349 -24.21 -9.45 -2.33
CA GLY A 349 -25.58 -9.87 -2.02
C GLY A 349 -26.52 -9.91 -3.20
N ASN A 350 -25.93 -10.00 -4.40
CA ASN A 350 -26.68 -10.09 -5.66
C ASN A 350 -27.65 -8.95 -5.85
N VAL A 351 -27.24 -7.74 -5.48
CA VAL A 351 -28.14 -6.63 -5.61
C VAL A 351 -28.20 -6.52 -7.08
N VAL A 352 -29.42 -6.44 -7.58
CA VAL A 352 -29.74 -6.35 -8.99
C VAL A 352 -29.57 -4.91 -9.47
N GLY A 353 -28.75 -4.71 -10.50
CA GLY A 353 -28.41 -3.37 -11.03
C GLY A 353 -27.43 -2.58 -10.16
N PRO A 354 -27.48 -1.22 -10.22
CA PRO A 354 -26.57 -0.33 -9.47
C PRO A 354 -26.41 -0.68 -7.99
N ASN A 355 -25.15 -0.90 -7.56
CA ASN A 355 -24.75 -1.03 -6.15
C ASN A 355 -23.59 -0.10 -5.73
N HIS A 356 -23.71 0.59 -4.58
CA HIS A 356 -22.69 1.55 -4.12
C HIS A 356 -22.19 1.18 -2.72
N THR A 357 -20.91 0.87 -2.57
CA THR A 357 -20.38 0.70 -1.20
C THR A 357 -19.33 1.80 -0.89
N ARG A 358 -19.29 2.29 0.34
CA ARG A 358 -18.48 3.43 0.67
C ARG A 358 -17.77 3.21 2.01
N ILE A 359 -16.49 3.62 2.13
CA ILE A 359 -15.75 3.67 3.43
C ILE A 359 -15.28 5.05 3.61
N THR A 360 -15.69 5.72 4.66
CA THR A 360 -15.24 7.11 4.92
C THR A 360 -14.31 7.17 6.15
N THR A 361 -13.18 7.86 5.98
CA THR A 361 -12.22 7.99 7.06
C THR A 361 -12.01 9.43 7.37
N ARG A 362 -12.31 9.87 8.58
CA ARG A 362 -11.95 11.24 8.98
C ARG A 362 -10.89 11.17 10.03
N GLY A 363 -9.97 12.12 9.93
CA GLY A 363 -8.84 12.10 10.80
C GLY A 363 -8.11 13.40 10.96
N MET A 364 -7.23 13.39 11.94
CA MET A 364 -6.69 14.61 12.45
C MET A 364 -5.40 14.22 13.15
N ASN A 365 -4.35 14.98 12.90
CA ASN A 365 -3.08 14.84 13.56
C ASN A 365 -2.46 16.18 13.87
N PHE A 366 -2.00 16.31 15.10
CA PHE A 366 -1.27 17.49 15.51
C PHE A 366 0.11 17.03 16.03
N ASN A 367 1.17 17.59 15.49
CA ASN A 367 2.47 17.19 15.88
C ASN A 367 3.26 18.42 16.28
N PHE A 368 3.78 18.43 17.51
CA PHE A 368 4.55 19.56 18.10
C PHE A 368 6.01 19.22 18.37
N ASP A 369 6.92 20.14 18.10
CA ASP A 369 8.31 19.98 18.49
C ASP A 369 8.85 21.13 19.42
N SER A 370 9.23 20.85 20.65
CA SER A 370 9.94 21.89 21.43
C SER A 370 11.40 21.58 21.81
N ARG A 371 12.28 22.53 21.52
CA ARG A 371 13.72 22.45 21.77
C ARG A 371 14.00 22.71 23.24
N LEU A 372 14.53 21.70 23.92
CA LEU A 372 14.76 21.74 25.36
C LEU A 372 16.20 22.18 25.75
N ALA A 373 17.14 22.06 24.81
CA ALA A 373 18.54 22.41 24.95
C ALA A 373 19.09 22.43 23.52
N GLU A 374 20.32 22.87 23.33
CA GLU A 374 20.80 23.11 21.97
C GLU A 374 20.64 21.94 21.00
N GLN A 375 20.73 20.72 21.53
CA GLN A 375 20.55 19.54 20.68
C GLN A 375 19.68 18.48 21.38
N THR A 376 18.63 18.93 22.04
CA THR A 376 17.66 18.01 22.54
C THR A 376 16.18 18.43 22.27
N LEU A 377 15.55 17.72 21.34
CA LEU A 377 14.20 18.05 20.89
C LEU A 377 13.15 17.22 21.62
N LEU A 378 12.08 17.84 22.11
CA LEU A 378 10.96 17.08 22.65
C LEU A 378 9.81 17.10 21.63
N LYS A 379 9.30 15.95 21.26
CA LYS A 379 8.20 15.82 20.30
C LYS A 379 6.93 15.33 20.99
N TYR A 380 5.83 16.03 20.86
CA TYR A 380 4.56 15.49 21.40
C TYR A 380 3.37 15.79 20.41
N GLY A 381 2.33 14.98 20.47
CA GLY A 381 1.19 15.19 19.62
C GLY A 381 0.09 14.24 19.88
N ILE A 382 -0.98 14.41 19.10
CA ILE A 382 -2.28 13.68 19.10
C ILE A 382 -2.66 13.21 17.66
N ASN A 383 -3.23 12.02 17.58
CA ASN A 383 -3.78 11.49 16.35
C ASN A 383 -5.19 11.06 16.66
N TYR A 384 -6.13 11.44 15.82
CA TYR A 384 -7.45 10.88 15.90
C TYR A 384 -7.86 10.43 14.50
N ARG A 385 -8.32 9.21 14.40
CA ARG A 385 -8.87 8.67 13.17
C ARG A 385 -10.31 8.05 13.37
N HIS A 386 -11.27 8.45 12.55
CA HIS A 386 -12.63 7.81 12.55
C HIS A 386 -12.88 7.09 11.28
N GLN A 387 -13.34 5.86 11.35
CA GLN A 387 -13.72 5.14 10.12
C GLN A 387 -15.20 4.66 10.08
N GLU A 388 -15.79 4.80 8.92
CA GLU A 388 -17.17 4.37 8.77
C GLU A 388 -17.39 3.58 7.50
N ILE A 389 -17.75 2.33 7.66
CA ILE A 389 -18.28 1.56 6.48
C ILE A 389 -19.79 1.78 6.22
N LYS A 390 -20.19 2.08 5.00
CA LYS A 390 -21.57 2.53 4.70
C LYS A 390 -22.06 1.86 3.46
N PRO A 391 -22.78 0.72 3.57
CA PRO A 391 -23.35 0.09 2.35
C PRO A 391 -24.59 0.82 1.78
N GLN A 392 -24.97 0.51 0.54
CA GLN A 392 -26.30 0.92 0.02
C GLN A 392 -27.44 0.62 1.02
N ALA A 393 -27.47 -0.61 1.51
CA ALA A 393 -28.59 -1.13 2.23
C ALA A 393 -28.22 -2.43 2.94
N PHE A 394 -28.83 -2.69 4.08
CA PHE A 394 -28.64 -3.99 4.69
C PHE A 394 -29.46 -5.12 4.02
N LEU A 395 -29.05 -6.37 4.18
CA LEU A 395 -29.66 -7.43 3.47
C LEU A 395 -29.72 -8.65 4.32
N ASN A 396 -29.51 -8.48 5.61
CA ASN A 396 -29.56 -9.67 6.44
C ASN A 396 -30.89 -10.39 6.38
N GLY A 397 -31.92 -9.64 5.92
CA GLY A 397 -33.21 -10.18 5.55
C GLY A 397 -33.22 -11.39 4.62
N GLU A 398 -32.34 -11.37 3.63
CA GLU A 398 -32.28 -12.44 2.67
C GLU A 398 -31.48 -13.64 3.18
N PHE A 399 -31.12 -13.62 4.46
CA PHE A 399 -30.14 -14.56 4.94
C PHE A 399 -30.61 -16.02 4.81
N GLU A 400 -29.77 -16.90 4.27
CA GLU A 400 -30.17 -18.32 4.08
C GLU A 400 -29.08 -19.37 4.34
N ILE A 401 -29.45 -20.46 4.97
CA ILE A 401 -28.54 -21.61 5.17
C ILE A 401 -29.04 -22.76 4.31
N SER A 402 -28.10 -23.51 3.72
CA SER A 402 -28.39 -24.74 2.94
C SER A 402 -28.69 -25.92 3.86
N GLY A 403 -28.96 -27.08 3.24
CA GLY A 403 -29.32 -28.31 3.93
C GLY A 403 -28.40 -29.48 3.72
N GLU A 421 -30.73 -29.87 14.35
CA GLU A 421 -29.88 -30.24 13.22
C GLU A 421 -29.96 -29.19 12.06
N LYS A 422 -30.98 -29.29 11.18
CA LYS A 422 -31.42 -28.08 10.40
C LYS A 422 -32.57 -27.32 11.09
N ALA A 423 -32.98 -27.88 12.24
CA ALA A 423 -33.75 -27.19 13.27
C ALA A 423 -32.96 -25.98 13.73
N LYS A 424 -31.67 -26.21 13.97
CA LYS A 424 -30.69 -25.20 14.36
C LYS A 424 -30.65 -24.09 13.29
N ASP A 425 -30.38 -24.45 12.03
CA ASP A 425 -30.47 -23.51 10.90
C ASP A 425 -31.67 -22.55 11.00
N LYS A 426 -32.86 -23.11 11.19
CA LYS A 426 -34.09 -22.33 11.30
C LYS A 426 -34.07 -21.31 12.46
N LYS A 427 -33.74 -21.75 13.68
CA LYS A 427 -33.59 -20.80 14.79
C LYS A 427 -32.57 -19.75 14.42
N ASP A 428 -31.52 -20.19 13.72
CA ASP A 428 -30.53 -19.29 13.13
C ASP A 428 -31.02 -18.28 12.08
N MET A 429 -31.72 -18.71 11.03
CA MET A 429 -32.22 -17.73 10.03
C MET A 429 -33.08 -16.71 10.72
N ASP A 430 -33.96 -17.19 11.59
CA ASP A 430 -34.72 -16.33 12.49
C ASP A 430 -33.86 -15.25 13.16
N LEU A 431 -32.74 -15.64 13.77
CA LEU A 431 -31.88 -14.69 14.51
C LEU A 431 -31.42 -13.56 13.58
N VAL A 432 -30.84 -13.99 12.47
CA VAL A 432 -30.21 -13.07 11.57
C VAL A 432 -31.26 -12.13 11.09
N HIS A 433 -32.47 -12.65 10.80
CA HIS A 433 -33.56 -11.78 10.23
C HIS A 433 -34.09 -10.73 11.19
N SER A 434 -33.97 -10.99 12.48
CA SER A 434 -34.53 -10.07 13.46
C SER A 434 -33.56 -8.93 13.80
N TYR A 435 -32.31 -9.09 13.37
CA TYR A 435 -31.23 -8.10 13.60
C TYR A 435 -31.40 -6.84 12.80
N LYS A 436 -31.23 -5.71 13.46
CA LYS A 436 -31.29 -4.41 12.84
C LYS A 436 -29.89 -3.84 12.77
N LEU A 437 -29.38 -3.89 11.56
CA LEU A 437 -27.99 -3.68 11.30
C LEU A 437 -27.76 -2.23 11.16
N SER A 438 -26.56 -1.75 11.44
CA SER A 438 -26.20 -0.34 11.27
C SER A 438 -24.76 -0.27 10.79
N ASN A 439 -24.32 0.92 10.40
CA ASN A 439 -22.93 1.15 9.90
C ASN A 439 -21.86 0.88 10.96
N PRO A 440 -20.87 0.01 10.62
CA PRO A 440 -19.79 -0.33 11.52
C PRO A 440 -18.90 0.86 11.60
N THR A 441 -18.43 1.18 12.80
CA THR A 441 -17.42 2.26 13.01
C THR A 441 -16.20 1.88 13.89
N LYS A 442 -15.12 2.62 13.73
CA LYS A 442 -13.88 2.44 14.50
C LYS A 442 -13.27 3.76 14.77
N THR A 443 -13.06 4.10 16.03
CA THR A 443 -12.32 5.33 16.40
C THR A 443 -11.01 4.91 16.95
N ASP A 444 -9.95 5.50 16.43
CA ASP A 444 -8.59 5.33 17.00
C ASP A 444 -8.15 6.69 17.57
N THR A 445 -7.76 6.72 18.86
CA THR A 445 -7.12 7.97 19.39
C THR A 445 -5.73 7.66 19.86
N GLY A 446 -4.80 8.57 19.67
CA GLY A 446 -3.45 8.39 20.15
C GLY A 446 -2.85 9.64 20.75
N ALA A 447 -2.09 9.50 21.80
CA ALA A 447 -1.21 10.59 22.22
C ALA A 447 0.22 10.01 22.38
N TYR A 448 1.22 10.84 22.17
CA TYR A 448 2.60 10.39 22.20
C TYR A 448 3.49 11.49 22.70
N ILE A 449 4.62 11.09 23.27
CA ILE A 449 5.69 11.99 23.71
C ILE A 449 7.00 11.28 23.36
N GLU A 450 7.97 12.01 22.82
CA GLU A 450 9.20 11.44 22.39
C GLU A 450 10.36 12.46 22.58
N ALA A 451 11.49 12.00 23.13
CA ALA A 451 12.72 12.86 23.29
C ALA A 451 13.87 12.44 22.38
N ILE A 452 14.56 13.42 21.85
CA ILE A 452 15.65 13.18 20.95
C ILE A 452 16.84 13.92 21.49
N HIS A 453 17.82 13.15 21.88
CA HIS A 453 19.05 13.71 22.37
C HIS A 453 20.25 13.32 21.54
N GLU A 454 20.99 14.32 21.09
CA GLU A 454 22.07 14.17 20.10
C GLU A 454 23.38 14.72 20.68
N LEU A 455 24.42 13.90 20.78
CA LEU A 455 25.77 14.40 21.21
C LEU A 455 26.94 13.87 20.43
N ASP A 456 27.57 14.72 19.60
CA ASP A 456 28.85 14.33 18.97
C ASP A 456 28.65 13.02 18.19
N GLY A 457 27.69 13.00 17.25
CA GLY A 457 27.46 11.83 16.38
C GLY A 457 26.71 10.64 17.03
N PHE A 458 26.12 10.83 18.20
CA PHE A 458 25.34 9.80 18.84
C PHE A 458 24.01 10.35 19.21
N THR A 459 22.95 9.74 18.66
CA THR A 459 21.59 10.22 18.83
C THR A 459 20.71 9.20 19.54
N LEU A 460 19.99 9.64 20.57
CA LEU A 460 19.19 8.70 21.35
C LEU A 460 17.78 9.24 21.30
N THR A 461 16.82 8.33 21.10
CA THR A 461 15.41 8.61 20.91
C THR A 461 14.75 7.64 21.81
N GLY A 462 13.78 8.14 22.58
CA GLY A 462 13.03 7.33 23.52
C GLY A 462 11.62 7.84 23.49
N GLY A 463 10.65 6.98 23.67
CA GLY A 463 9.34 7.53 23.53
C GLY A 463 8.23 6.68 23.98
N LEU A 464 7.08 7.34 24.09
CA LEU A 464 5.89 6.66 24.64
C LEU A 464 4.58 7.06 23.92
N ARG A 465 3.76 6.07 23.59
CA ARG A 465 2.44 6.28 23.07
C ARG A 465 1.35 5.70 23.95
N TYR A 466 0.23 6.40 24.00
CA TYR A 466 -0.99 5.83 24.52
C TYR A 466 -1.92 5.69 23.31
N ASP A 467 -2.33 4.46 23.00
CA ASP A 467 -3.26 4.19 21.95
C ASP A 467 -4.53 3.67 22.53
N ARG A 468 -5.63 4.33 22.16
CA ARG A 468 -6.98 3.90 22.51
C ARG A 468 -7.77 3.63 21.20
N PHE A 469 -8.56 2.56 21.20
CA PHE A 469 -9.61 2.39 20.18
C PHE A 469 -11.04 2.07 20.69
N LYS A 470 -12.04 2.33 19.86
CA LYS A 470 -13.41 1.84 20.02
C LYS A 470 -13.93 1.19 18.72
N VAL A 471 -14.26 -0.09 18.75
CA VAL A 471 -14.91 -0.66 17.57
C VAL A 471 -16.39 -0.93 17.76
N LYS A 472 -17.21 -0.45 16.83
CA LYS A 472 -18.63 -0.78 16.84
C LYS A 472 -18.98 -1.58 15.59
N THR A 473 -19.29 -2.85 15.77
CA THR A 473 -19.75 -3.72 14.65
C THR A 473 -21.14 -3.38 14.04
N HIS A 474 -21.50 -3.98 12.90
CA HIS A 474 -22.81 -3.69 12.31
C HIS A 474 -23.96 -4.09 13.20
N ASP A 475 -23.68 -4.91 14.21
CA ASP A 475 -24.73 -5.26 15.15
C ASP A 475 -24.81 -4.28 16.29
N GLY A 476 -24.16 -3.13 16.19
CA GLY A 476 -24.19 -2.16 17.29
C GLY A 476 -23.38 -2.40 18.56
N LYS A 477 -22.85 -3.61 18.76
CA LYS A 477 -21.89 -3.94 19.87
C LYS A 477 -20.54 -3.20 19.87
N THR A 478 -20.12 -2.76 21.06
CA THR A 478 -19.01 -1.84 21.22
C THR A 478 -17.93 -2.48 22.10
N VAL A 479 -16.69 -2.47 21.60
CA VAL A 479 -15.54 -3.01 22.34
C VAL A 479 -14.39 -2.03 22.24
N SER A 480 -13.71 -1.90 23.36
CA SER A 480 -12.69 -0.89 23.60
C SER A 480 -11.48 -1.44 24.32
N SER A 481 -10.32 -0.91 23.97
CA SER A 481 -9.08 -1.23 24.65
C SER A 481 -8.10 -0.08 24.57
N SER A 482 -7.04 -0.13 25.34
CA SER A 482 -6.01 0.90 25.22
C SER A 482 -4.68 0.19 25.49
N ASN A 483 -3.55 0.82 25.11
CA ASN A 483 -2.22 0.30 25.36
C ASN A 483 -1.27 1.45 25.56
N LEU A 484 -0.26 1.23 26.42
CA LEU A 484 0.93 2.05 26.55
C LEU A 484 2.12 1.51 25.73
N ASN A 485 2.58 2.22 24.69
CA ASN A 485 3.65 1.66 23.82
C ASN A 485 5.05 2.36 23.86
N PRO A 486 6.04 1.76 24.57
CA PRO A 486 7.37 2.39 24.66
C PRO A 486 8.23 2.08 23.43
N SER A 487 9.17 2.94 23.13
CA SER A 487 10.04 2.75 22.00
C SER A 487 11.32 3.48 22.27
N PHE A 488 12.42 2.93 21.77
CA PHE A 488 13.68 3.72 21.78
C PHE A 488 14.62 3.19 20.70
N GLY A 489 15.65 3.97 20.37
CA GLY A 489 16.55 3.61 19.24
C GLY A 489 17.75 4.53 19.30
N VAL A 490 18.82 4.15 18.59
CA VAL A 490 20.02 4.98 18.51
C VAL A 490 20.50 5.02 17.09
N ILE A 491 21.11 6.15 16.75
CA ILE A 491 21.85 6.36 15.54
C ILE A 491 23.23 6.78 16.00
N TRP A 492 24.25 6.07 15.52
CA TRP A 492 25.63 6.32 15.89
C TRP A 492 26.38 6.51 14.65
N GLN A 493 27.01 7.66 14.57
CA GLN A 493 27.75 8.05 13.41
C GLN A 493 29.24 8.28 13.75
N PRO A 494 30.04 7.23 13.72
CA PRO A 494 31.43 7.51 14.14
C PRO A 494 32.26 8.33 13.20
N HIS A 495 31.88 8.42 11.94
CA HIS A 495 32.80 8.83 10.89
C HIS A 495 31.89 9.30 9.75
N GLU A 496 32.41 10.13 8.83
CA GLU A 496 31.59 10.79 7.79
C GLU A 496 31.05 9.85 6.72
N HIS A 497 31.56 8.63 6.62
CA HIS A 497 31.09 7.72 5.65
C HIS A 497 30.21 6.59 6.27
N TRP A 498 30.03 6.56 7.59
CA TRP A 498 29.46 5.38 8.20
C TRP A 498 28.49 5.74 9.26
N SER A 499 27.42 4.98 9.39
CA SER A 499 26.49 5.18 10.46
C SER A 499 25.80 3.87 10.79
N PHE A 500 25.34 3.75 12.01
CA PHE A 500 24.87 2.49 12.60
C PHE A 500 23.62 2.79 13.38
N SER A 501 22.68 1.88 13.31
CA SER A 501 21.39 2.18 13.94
C SER A 501 20.81 0.97 14.58
N SER A 502 20.01 1.19 15.57
CA SER A 502 19.16 0.09 16.04
C SER A 502 17.94 0.60 16.75
N SER A 503 16.96 -0.25 16.95
CA SER A 503 15.78 0.15 17.71
C SER A 503 14.98 -0.96 18.19
N HIS A 504 14.20 -0.69 19.22
CA HIS A 504 13.33 -1.67 19.87
C HIS A 504 12.08 -0.81 20.14
N ASN A 505 11.03 -1.09 19.38
CA ASN A 505 9.78 -0.32 19.40
C ASN A 505 8.64 -1.26 19.67
N TYR A 506 7.76 -0.85 20.60
CA TYR A 506 6.39 -1.40 20.76
C TYR A 506 5.36 -0.48 20.10
N ALA A 507 4.36 -1.10 19.44
CA ALA A 507 3.21 -0.39 18.76
C ALA A 507 2.02 -1.34 18.69
N SER A 508 0.79 -0.78 18.76
CA SER A 508 -0.39 -1.60 18.62
C SER A 508 -1.23 -1.28 17.39
N ARG A 509 -1.99 -2.25 16.93
CA ARG A 509 -2.89 -2.01 15.84
C ARG A 509 -4.27 -2.50 16.24
N SER A 510 -5.28 -1.63 16.12
CA SER A 510 -6.66 -1.97 16.54
C SER A 510 -7.33 -2.88 15.55
N PRO A 511 -8.28 -3.73 15.96
CA PRO A 511 -8.93 -4.62 14.99
C PRO A 511 -9.41 -3.88 13.75
N ARG A 512 -9.34 -4.52 12.60
CA ARG A 512 -9.92 -3.85 11.44
C ARG A 512 -11.42 -4.23 11.32
N LEU A 513 -12.23 -3.36 10.70
CA LEU A 513 -13.60 -3.71 10.36
C LEU A 513 -13.56 -4.77 9.25
N TYR A 514 -14.36 -5.78 9.39
CA TYR A 514 -14.75 -6.70 8.32
C TYR A 514 -15.01 -6.13 6.91
N ASP A 515 -14.79 -6.91 5.88
CA ASP A 515 -14.84 -6.42 4.47
C ASP A 515 -16.01 -5.50 4.19
N ALA A 516 -15.73 -4.36 3.60
CA ALA A 516 -16.82 -3.46 3.34
C ALA A 516 -17.93 -4.13 2.52
N LEU A 517 -17.55 -4.86 1.48
CA LEU A 517 -18.57 -5.43 0.61
C LEU A 517 -19.54 -6.43 1.24
N GLN A 518 -19.30 -6.94 2.46
CA GLN A 518 -20.21 -7.87 3.11
C GLN A 518 -20.96 -7.26 4.25
N THR A 519 -20.67 -5.99 4.56
CA THR A 519 -21.22 -5.31 5.71
C THR A 519 -22.75 -5.44 5.80
N HIS A 520 -23.39 -5.57 4.65
CA HIS A 520 -24.83 -5.77 4.52
C HIS A 520 -25.47 -6.91 5.38
N GLY A 521 -24.77 -8.02 5.56
CA GLY A 521 -25.23 -8.99 6.56
C GLY A 521 -25.88 -10.23 5.96
N LYS A 522 -26.16 -10.17 4.67
CA LYS A 522 -26.69 -11.33 3.98
C LYS A 522 -26.07 -12.67 4.40
N ARG A 523 -24.77 -12.68 4.62
CA ARG A 523 -24.17 -13.95 4.94
C ARG A 523 -23.99 -14.14 6.43
N GLY A 524 -24.58 -13.25 7.22
CA GLY A 524 -24.58 -13.46 8.66
C GLY A 524 -24.08 -12.22 9.37
N ILE A 525 -24.15 -12.26 10.71
CA ILE A 525 -23.57 -11.17 11.52
C ILE A 525 -22.08 -11.39 11.81
N ILE A 526 -21.31 -10.30 11.61
CA ILE A 526 -19.88 -10.21 11.96
C ILE A 526 -19.62 -9.19 13.10
N SER A 527 -19.37 -9.78 14.26
CA SER A 527 -19.26 -9.08 15.50
C SER A 527 -17.78 -9.17 16.01
N ILE A 528 -17.61 -8.70 17.25
CA ILE A 528 -16.35 -8.73 17.97
C ILE A 528 -16.56 -9.31 19.37
N ALA A 529 -15.77 -10.31 19.75
CA ALA A 529 -15.91 -10.98 21.04
C ALA A 529 -15.62 -9.97 22.14
N ASP A 530 -16.11 -10.26 23.35
CA ASP A 530 -15.92 -9.39 24.51
C ASP A 530 -14.47 -9.29 24.79
N GLY A 531 -14.03 -8.08 25.13
CA GLY A 531 -12.67 -7.85 25.62
C GLY A 531 -11.49 -8.10 24.68
N THR A 532 -11.73 -8.23 23.37
CA THR A 532 -10.65 -8.42 22.42
C THR A 532 -9.71 -7.20 22.40
N LYS A 533 -8.43 -7.49 22.25
CA LYS A 533 -7.41 -6.49 22.47
C LYS A 533 -6.81 -6.10 21.12
N ALA A 534 -6.13 -4.95 21.04
CA ALA A 534 -5.26 -4.60 19.89
C ALA A 534 -4.16 -5.67 19.79
N GLU A 535 -3.88 -6.14 18.57
CA GLU A 535 -2.55 -6.73 18.21
C GLU A 535 -1.44 -5.78 18.72
N ARG A 536 -0.46 -6.36 19.42
CA ARG A 536 0.70 -5.58 19.94
C ARG A 536 2.00 -6.09 19.42
N ALA A 537 2.74 -5.20 18.79
CA ALA A 537 3.96 -5.59 18.12
C ALA A 537 5.19 -5.14 18.83
N ARG A 538 6.19 -5.99 18.85
CA ARG A 538 7.53 -5.64 19.39
C ARG A 538 8.46 -5.77 18.21
N ASN A 539 9.10 -4.67 17.83
CA ASN A 539 9.97 -4.68 16.65
C ASN A 539 11.41 -4.41 17.03
N THR A 540 12.30 -5.30 16.59
CA THR A 540 13.63 -4.94 16.85
C THR A 540 14.54 -4.96 15.60
N GLU A 541 15.43 -3.99 15.49
CA GLU A 541 16.35 -4.03 14.39
C GLU A 541 17.68 -3.31 14.49
N ILE A 542 18.63 -3.80 13.69
CA ILE A 542 19.96 -3.19 13.63
C ILE A 542 20.23 -2.95 12.13
N GLY A 543 21.06 -1.98 11.82
CA GLY A 543 21.55 -1.84 10.49
C GLY A 543 22.75 -0.94 10.46
N PHE A 544 23.36 -0.87 9.31
CA PHE A 544 24.46 0.00 9.11
C PHE A 544 24.24 0.68 7.81
N ASN A 545 25.05 1.69 7.53
CA ASN A 545 24.97 2.42 6.30
C ASN A 545 26.36 3.01 5.97
N TYR A 546 26.79 2.85 4.73
CA TYR A 546 28.10 3.31 4.27
C TYR A 546 28.01 4.00 2.91
N ASN A 547 28.62 5.15 2.79
CA ASN A 547 28.60 5.97 1.58
C ASN A 547 29.79 6.96 1.53
N ASP A 548 30.75 6.71 0.64
CA ASP A 548 31.96 7.55 0.51
C ASP A 548 32.00 8.31 -0.80
N GLY A 549 30.83 8.53 -1.41
CA GLY A 549 30.66 9.23 -2.70
C GLY A 549 30.82 8.31 -3.92
N THR A 550 31.39 7.13 -3.73
CA THR A 550 31.60 6.19 -4.82
C THR A 550 31.08 4.77 -4.48
N PHE A 551 31.62 4.10 -3.45
CA PHE A 551 30.98 2.89 -2.98
C PHE A 551 29.88 3.32 -1.98
N ALA A 552 28.83 2.50 -1.89
CA ALA A 552 27.76 2.71 -0.93
C ALA A 552 27.20 1.32 -0.56
N ALA A 553 26.68 1.18 0.64
CA ALA A 553 26.27 -0.11 1.11
C ALA A 553 25.35 0.16 2.27
N ASN A 554 24.37 -0.71 2.45
CA ASN A 554 23.50 -0.67 3.58
C ASN A 554 23.05 -2.08 3.89
N GLY A 555 22.66 -2.31 5.16
CA GLY A 555 22.16 -3.59 5.68
C GLY A 555 21.17 -3.36 6.82
N SER A 556 20.21 -4.26 7.00
CA SER A 556 19.36 -4.26 8.19
C SER A 556 19.11 -5.70 8.57
N TYR A 557 18.95 -5.97 9.86
CA TYR A 557 18.36 -7.22 10.26
C TYR A 557 17.20 -6.81 11.15
N PHE A 558 16.11 -7.56 11.13
CA PHE A 558 14.94 -7.12 11.90
C PHE A 558 14.34 -8.39 12.51
N TRP A 559 13.65 -8.21 13.63
CA TRP A 559 12.83 -9.27 14.29
C TRP A 559 11.51 -8.56 14.71
N GLN A 560 10.45 -9.32 14.75
CA GLN A 560 9.17 -8.78 15.08
C GLN A 560 8.36 -9.88 15.72
N THR A 561 7.83 -9.58 16.90
CA THR A 561 6.79 -10.41 17.38
C THR A 561 5.49 -9.61 17.37
N ILE A 562 4.43 -10.20 16.80
CA ILE A 562 3.09 -9.63 17.03
C ILE A 562 2.23 -10.53 17.94
N LYS A 563 1.91 -10.04 19.13
CA LYS A 563 1.06 -10.78 20.04
C LYS A 563 -0.41 -10.41 19.82
N ASP A 564 -1.29 -11.37 20.09
CA ASP A 564 -2.72 -11.20 19.98
C ASP A 564 -3.20 -10.87 18.56
N ALA A 565 -2.52 -11.42 17.55
CA ALA A 565 -2.90 -11.26 16.16
C ALA A 565 -4.42 -11.52 16.04
N LEU A 566 -5.09 -10.55 15.43
CA LEU A 566 -6.48 -10.60 15.18
C LEU A 566 -6.82 -11.45 14.02
N ALA A 567 -7.88 -12.21 14.19
CA ALA A 567 -8.51 -12.88 13.05
C ALA A 567 -9.97 -12.53 13.05
N ASN A 568 -10.40 -11.72 12.08
CA ASN A 568 -11.79 -11.64 11.66
C ASN A 568 -12.24 -12.99 11.11
N PRO A 569 -13.55 -13.28 11.19
CA PRO A 569 -14.02 -14.60 10.70
C PRO A 569 -13.63 -14.90 9.22
N GLN A 570 -12.96 -16.02 9.01
CA GLN A 570 -12.25 -16.16 7.76
C GLN A 570 -13.02 -16.70 6.59
N ASN A 571 -14.07 -17.45 6.82
CA ASN A 571 -14.78 -18.03 5.70
C ASN A 571 -15.90 -17.09 5.27
N ARG A 572 -15.78 -16.55 4.05
CA ARG A 572 -16.76 -15.55 3.55
C ARG A 572 -17.88 -16.20 2.74
N HIS A 573 -17.66 -17.43 2.35
CA HIS A 573 -18.73 -18.23 1.78
C HIS A 573 -19.47 -18.68 3.03
N VAL A 574 -20.47 -19.52 2.90
CA VAL A 574 -21.07 -20.09 4.12
C VAL A 574 -21.79 -19.03 4.96
N SER A 575 -22.93 -19.45 5.47
CA SER A 575 -23.81 -18.60 6.20
C SER A 575 -23.88 -19.15 7.63
N ALA A 576 -23.38 -18.32 8.56
CA ALA A 576 -23.39 -18.59 9.97
C ALA A 576 -23.97 -17.35 10.57
N ALA A 577 -24.61 -17.55 11.71
CA ALA A 577 -25.51 -16.60 12.26
C ALA A 577 -24.68 -15.48 12.85
N VAL A 578 -23.93 -15.81 13.91
CA VAL A 578 -23.07 -14.88 14.60
C VAL A 578 -21.66 -15.44 14.64
N ARG A 579 -20.73 -14.61 14.16
CA ARG A 579 -19.29 -14.89 14.29
C ARG A 579 -18.53 -13.65 14.71
N GLU A 580 -17.39 -13.84 15.39
CA GLU A 580 -16.73 -12.70 15.97
C GLU A 580 -15.25 -12.64 15.67
N ALA A 581 -14.76 -11.44 15.35
CA ALA A 581 -13.35 -11.09 15.50
C ALA A 581 -12.79 -11.40 16.93
N VAL A 582 -11.62 -12.02 16.92
CA VAL A 582 -10.88 -12.39 18.15
C VAL A 582 -9.37 -12.23 17.96
N ASN A 583 -8.68 -12.09 19.09
CA ASN A 583 -7.28 -12.39 19.25
C ASN A 583 -7.06 -13.92 19.09
N ALA A 584 -6.36 -14.33 18.05
CA ALA A 584 -6.35 -15.71 17.59
C ALA A 584 -4.97 -16.43 17.60
N GLY A 585 -3.89 -15.66 17.82
CA GLY A 585 -2.55 -16.27 17.99
C GLY A 585 -1.47 -15.24 17.94
N TYR A 586 -0.35 -15.60 17.33
CA TYR A 586 0.75 -14.64 17.29
C TYR A 586 1.59 -14.79 16.08
N ILE A 587 2.34 -13.75 15.76
CA ILE A 587 3.11 -13.75 14.55
C ILE A 587 4.58 -13.47 14.88
N LYS A 588 5.46 -14.27 14.30
CA LYS A 588 6.92 -14.01 14.29
C LYS A 588 7.40 -13.83 12.87
N ASN A 589 8.21 -12.81 12.67
CA ASN A 589 8.93 -12.57 11.43
C ASN A 589 10.37 -12.08 11.76
N HIS A 590 11.31 -12.48 10.92
CA HIS A 590 12.65 -12.01 11.01
C HIS A 590 13.25 -12.03 9.61
N GLY A 591 14.25 -11.21 9.36
CA GLY A 591 15.03 -11.36 8.12
C GLY A 591 15.95 -10.19 7.93
N TYR A 592 16.39 -9.97 6.71
CA TYR A 592 17.45 -9.00 6.43
C TYR A 592 17.24 -8.38 5.07
N GLU A 593 17.76 -7.18 4.90
CA GLU A 593 18.13 -6.72 3.57
C GLU A 593 19.56 -6.11 3.40
N LEU A 594 20.16 -6.28 2.22
CA LEU A 594 21.43 -5.61 1.88
C LEU A 594 21.25 -4.84 0.59
N GLY A 595 22.01 -3.77 0.42
CA GLY A 595 22.16 -2.92 -0.80
C GLY A 595 23.66 -2.50 -0.88
N ALA A 596 24.19 -2.44 -2.09
CA ALA A 596 25.56 -2.00 -2.36
C ALA A 596 25.41 -1.27 -3.68
N SER A 597 26.24 -0.26 -3.91
CA SER A 597 26.24 0.49 -5.18
C SER A 597 27.63 1.04 -5.53
N TYR A 598 27.78 1.42 -6.79
CA TYR A 598 29.01 1.97 -7.33
C TYR A 598 28.67 2.97 -8.41
N ARG A 599 29.13 4.20 -8.26
CA ARG A 599 28.78 5.28 -9.21
C ARG A 599 30.01 6.11 -9.61
N THR A 600 30.57 5.86 -10.79
CA THR A 600 31.72 6.68 -11.28
C THR A 600 31.37 7.43 -12.57
N GLY A 601 31.54 8.75 -12.53
CA GLY A 601 31.07 9.66 -13.59
C GLY A 601 30.15 9.04 -14.64
N GLY A 602 28.84 9.08 -14.43
CA GLY A 602 27.98 8.53 -15.48
C GLY A 602 27.50 7.09 -15.29
N LEU A 603 28.37 6.20 -14.80
CA LEU A 603 28.03 4.80 -14.54
C LEU A 603 27.46 4.59 -13.12
N THR A 604 26.26 4.02 -13.02
CA THR A 604 25.69 3.69 -11.74
C THR A 604 25.44 2.21 -11.74
N ALA A 605 26.01 1.48 -10.79
CA ALA A 605 25.71 0.05 -10.58
C ALA A 605 25.08 -0.18 -9.17
N LYS A 606 24.10 -1.10 -9.04
CA LYS A 606 23.35 -1.31 -7.78
C LYS A 606 23.02 -2.74 -7.62
N VAL A 607 23.05 -3.29 -6.41
CA VAL A 607 22.56 -4.63 -6.14
C VAL A 607 21.77 -4.53 -4.90
N GLY A 608 20.85 -5.48 -4.69
CA GLY A 608 19.94 -5.47 -3.52
C GLY A 608 19.43 -6.88 -3.34
N VAL A 609 19.33 -7.33 -2.10
CA VAL A 609 18.85 -8.65 -1.79
C VAL A 609 18.02 -8.47 -0.54
N SER A 610 17.01 -9.31 -0.32
CA SER A 610 16.14 -9.18 0.85
C SER A 610 15.42 -10.49 1.10
N HIS A 611 15.25 -10.93 2.34
CA HIS A 611 14.71 -12.23 2.63
C HIS A 611 14.02 -12.13 4.00
N SER A 612 12.89 -12.80 4.16
CA SER A 612 12.05 -12.65 5.34
C SER A 612 11.35 -13.99 5.59
N LYS A 613 10.73 -14.13 6.75
CA LYS A 613 10.20 -15.40 7.23
C LYS A 613 8.98 -15.26 8.17
N PRO A 614 7.86 -14.66 7.65
CA PRO A 614 6.63 -14.39 8.42
C PRO A 614 5.95 -15.68 8.71
N ARG A 615 5.71 -15.89 10.01
CA ARG A 615 5.09 -17.10 10.48
C ARG A 615 3.95 -16.85 11.47
N PHE A 616 2.79 -17.40 11.10
CA PHE A 616 1.59 -17.21 11.87
C PHE A 616 1.30 -18.42 12.74
N TYR A 617 1.17 -18.22 14.04
CA TYR A 617 0.83 -19.33 14.93
C TYR A 617 -0.55 -19.17 15.56
N ASP A 618 -1.41 -20.14 15.28
CA ASP A 618 -2.70 -20.34 15.97
C ASP A 618 -2.60 -20.73 17.45
N THR A 619 -3.19 -19.93 18.32
CA THR A 619 -3.34 -20.37 19.70
C THR A 619 -4.79 -20.61 20.05
N HIS A 620 -5.63 -20.96 19.07
CA HIS A 620 -7.07 -21.20 19.28
C HIS A 620 -7.38 -22.65 18.85
N PRO A 621 -8.24 -23.41 19.63
CA PRO A 621 -8.69 -24.77 19.18
C PRO A 621 -9.16 -24.80 17.73
N LYS A 622 -10.04 -23.88 17.38
CA LYS A 622 -10.43 -23.71 15.97
C LYS A 622 -9.22 -23.02 15.34
N LYS A 623 -8.72 -23.45 14.21
CA LYS A 623 -7.51 -22.75 13.72
C LYS A 623 -8.03 -21.53 12.99
N LEU A 624 -7.89 -20.35 13.59
CA LEU A 624 -8.68 -19.21 13.13
C LEU A 624 -7.99 -18.34 12.12
N LEU A 625 -6.68 -18.47 12.05
CA LEU A 625 -5.82 -17.66 11.20
C LEU A 625 -5.85 -18.17 9.75
N SER A 626 -5.63 -17.31 8.77
CA SER A 626 -5.67 -17.73 7.37
C SER A 626 -4.48 -17.28 6.56
N ALA A 627 -4.28 -17.94 5.43
CA ALA A 627 -3.16 -17.70 4.52
C ALA A 627 -3.55 -16.80 3.34
N ASN A 628 -4.65 -16.08 3.51
CA ASN A 628 -5.04 -15.13 2.50
C ASN A 628 -3.93 -14.09 2.41
N PRO A 629 -3.62 -13.67 1.18
CA PRO A 629 -2.62 -12.66 0.78
C PRO A 629 -2.59 -11.29 1.45
N GLU A 630 -3.73 -10.81 1.92
CA GLU A 630 -3.91 -9.65 2.77
C GLU A 630 -3.03 -9.71 4.05
N PHE A 631 -2.76 -10.93 4.48
CA PHE A 631 -1.97 -11.22 5.67
C PHE A 631 -0.44 -11.25 5.45
N GLY A 632 -0.04 -11.66 4.24
CA GLY A 632 1.34 -11.88 3.87
C GLY A 632 1.52 -13.14 3.02
N ALA A 633 2.80 -13.47 2.72
CA ALA A 633 3.28 -14.68 2.03
C ALA A 633 4.81 -14.90 2.30
N GLN A 634 5.22 -16.16 2.27
CA GLN A 634 6.57 -16.54 2.22
C GLN A 634 7.03 -16.34 0.78
N VAL A 635 7.52 -15.13 0.52
CA VAL A 635 8.21 -14.73 -0.71
C VAL A 635 9.61 -15.44 -0.75
N GLY A 636 10.15 -15.75 -1.94
CA GLY A 636 11.51 -16.25 -2.05
C GLY A 636 12.52 -15.10 -1.92
N ARG A 637 13.70 -15.37 -1.38
CA ARG A 637 14.80 -14.40 -1.39
C ARG A 637 14.80 -13.56 -2.68
N ALA A 638 14.68 -12.24 -2.59
CA ALA A 638 14.56 -11.44 -3.74
C ALA A 638 15.81 -10.63 -4.02
N TRP A 639 16.33 -10.71 -5.23
CA TRP A 639 17.55 -9.97 -5.64
C TRP A 639 17.17 -8.99 -6.72
N THR A 640 17.73 -7.81 -6.76
CA THR A 640 17.44 -6.89 -7.82
C THR A 640 18.78 -6.31 -8.17
N ALA A 641 18.84 -5.67 -9.32
CA ALA A 641 20.12 -5.15 -9.77
C ALA A 641 19.81 -4.20 -10.87
N SER A 642 20.67 -3.20 -11.06
CA SER A 642 20.53 -2.42 -12.24
C SER A 642 21.92 -1.99 -12.63
N LEU A 643 22.05 -1.56 -13.88
CA LEU A 643 23.32 -1.05 -14.43
C LEU A 643 22.96 -0.03 -15.51
N ALA A 644 23.53 1.15 -15.45
CA ALA A 644 23.05 2.27 -16.25
C ALA A 644 24.22 3.19 -16.58
N TYR A 645 24.21 3.78 -17.77
CA TYR A 645 25.23 4.72 -18.17
C TYR A 645 24.59 6.00 -18.65
N ARG A 646 24.95 7.15 -18.06
CA ARG A 646 24.53 8.46 -18.63
C ARG A 646 25.61 9.21 -19.48
N PHE A 647 25.34 9.40 -20.76
CA PHE A 647 26.22 10.12 -21.64
C PHE A 647 26.08 11.61 -21.42
N GLN A 648 27.11 12.36 -21.80
CA GLN A 648 27.00 13.82 -21.71
C GLN A 648 26.57 14.41 -23.04
N ASN A 649 26.88 13.71 -24.14
CA ASN A 649 26.34 14.09 -25.42
C ASN A 649 25.79 12.90 -26.21
N PRO A 650 24.47 12.88 -26.44
CA PRO A 650 23.54 13.86 -25.89
C PRO A 650 23.34 13.68 -24.37
N ASN A 651 22.28 14.28 -23.82
CA ASN A 651 21.82 13.91 -22.46
C ASN A 651 20.97 12.66 -22.56
N LEU A 652 21.52 11.55 -22.11
CA LEU A 652 21.00 10.22 -22.45
C LEU A 652 21.57 9.16 -21.52
N GLU A 653 20.68 8.29 -21.00
CA GLU A 653 21.02 7.22 -20.09
C GLU A 653 20.49 5.96 -20.65
N ILE A 654 21.33 4.96 -20.78
CA ILE A 654 20.85 3.61 -21.10
C ILE A 654 21.09 2.74 -19.88
N GLY A 655 20.19 1.78 -19.70
CA GLY A 655 20.29 1.00 -18.53
C GLY A 655 19.69 -0.35 -18.67
N TRP A 656 20.13 -1.24 -17.78
CA TRP A 656 19.60 -2.56 -17.63
C TRP A 656 19.05 -2.67 -16.21
N ARG A 657 17.95 -3.41 -15.96
CA ARG A 657 17.41 -3.56 -14.61
C ARG A 657 16.89 -4.96 -14.49
N GLY A 658 17.04 -5.63 -13.35
CA GLY A 658 16.50 -6.99 -13.23
C GLY A 658 16.07 -7.25 -11.83
N ARG A 659 15.17 -8.20 -11.66
CA ARG A 659 14.68 -8.59 -10.40
C ARG A 659 14.57 -10.10 -10.55
N TYR A 660 15.11 -10.88 -9.61
CA TYR A 660 15.17 -12.31 -9.70
C TYR A 660 14.68 -12.75 -8.36
N VAL A 661 13.66 -13.62 -8.32
CA VAL A 661 13.29 -14.20 -7.05
C VAL A 661 13.38 -15.70 -7.04
N GLN A 662 13.98 -16.22 -5.98
CA GLN A 662 14.32 -17.65 -5.81
C GLN A 662 13.12 -18.49 -5.32
N LYS A 663 13.20 -19.79 -5.58
CA LYS A 663 12.15 -20.72 -5.25
C LYS A 663 11.77 -20.44 -3.79
N ALA A 664 10.48 -20.41 -3.46
CA ALA A 664 9.98 -20.22 -2.08
C ALA A 664 9.22 -21.45 -1.69
N VAL A 665 9.30 -21.85 -0.41
CA VAL A 665 8.58 -23.00 0.13
C VAL A 665 7.84 -22.61 1.43
N GLY A 666 6.56 -22.96 1.53
CA GLY A 666 5.86 -22.85 2.78
C GLY A 666 4.75 -21.82 2.83
N SER A 667 3.74 -22.19 3.61
CA SER A 667 2.70 -21.31 4.08
C SER A 667 3.27 -20.24 5.04
N ILE A 668 2.57 -19.11 5.15
CA ILE A 668 2.73 -18.22 6.32
C ILE A 668 2.26 -18.86 7.67
N LEU A 669 1.43 -19.91 7.58
CA LEU A 669 0.83 -20.58 8.77
C LEU A 669 1.68 -21.78 9.22
N VAL A 670 1.99 -21.87 10.52
CA VAL A 670 2.78 -22.98 11.04
C VAL A 670 2.03 -24.29 10.96
N ALA A 671 0.72 -24.22 11.17
CA ALA A 671 -0.10 -25.43 11.11
C ALA A 671 -0.40 -25.94 9.67
N GLY A 672 0.26 -25.35 8.67
CA GLY A 672 -0.04 -25.63 7.24
C GLY A 672 -1.34 -24.95 6.80
N GLN A 673 -1.44 -24.69 5.50
CA GLN A 673 -2.68 -24.17 4.89
C GLN A 673 -3.34 -25.30 4.09
N LYS A 674 -4.64 -25.13 3.82
CA LYS A 674 -5.50 -26.24 3.35
C LYS A 674 -6.37 -25.79 2.19
N ASP A 675 -6.62 -26.64 1.20
CA ASP A 675 -7.69 -26.43 0.20
C ASP A 675 -9.11 -26.70 0.81
N ARG A 676 -10.05 -27.20 0.01
CA ARG A 676 -11.42 -27.48 0.53
C ARG A 676 -11.85 -28.96 0.37
N LYS A 679 -7.93 -29.99 3.51
CA LYS A 679 -6.75 -30.71 2.96
C LYS A 679 -5.35 -29.94 2.80
N LEU A 680 -4.24 -30.56 3.24
CA LEU A 680 -2.98 -29.81 3.51
C LEU A 680 -2.12 -29.43 2.28
N GLU A 681 -2.14 -28.15 1.88
CA GLU A 681 -1.40 -27.70 0.69
C GLU A 681 0.14 -27.62 0.92
N ASN A 682 0.89 -28.25 0.02
CA ASN A 682 2.34 -28.29 0.05
C ASN A 682 2.87 -27.16 -0.89
N VAL A 683 3.01 -25.93 -0.34
CA VAL A 683 3.24 -24.68 -1.09
C VAL A 683 4.67 -24.62 -1.61
N VAL A 684 4.84 -24.30 -2.90
CA VAL A 684 6.11 -24.10 -3.54
C VAL A 684 5.87 -23.08 -4.65
N ARG A 685 6.58 -21.93 -4.61
CA ARG A 685 6.44 -20.90 -5.61
C ARG A 685 7.68 -20.94 -6.49
N LYS A 686 7.54 -21.42 -7.70
CA LYS A 686 8.64 -21.33 -8.64
C LYS A 686 9.35 -19.97 -8.57
N GLY A 687 10.66 -20.01 -8.77
CA GLY A 687 11.50 -18.86 -8.96
C GLY A 687 11.47 -18.43 -10.40
N PHE A 688 11.98 -17.23 -10.65
CA PHE A 688 11.92 -16.62 -11.97
C PHE A 688 12.80 -15.39 -11.98
N GLY A 689 13.18 -14.97 -13.20
CA GLY A 689 13.95 -13.74 -13.38
C GLY A 689 13.44 -12.83 -14.48
N VAL A 690 13.18 -11.58 -14.10
CA VAL A 690 12.78 -10.55 -15.04
C VAL A 690 13.95 -9.61 -15.35
N ASN A 691 14.16 -9.37 -16.64
CA ASN A 691 15.07 -8.35 -17.12
C ASN A 691 14.33 -7.22 -17.85
N ASP A 692 14.82 -5.98 -17.74
CA ASP A 692 14.28 -4.79 -18.39
C ASP A 692 15.49 -4.07 -18.96
N VAL A 693 15.37 -3.46 -20.16
CA VAL A 693 16.25 -2.35 -20.60
C VAL A 693 15.49 -1.02 -20.78
N PHE A 694 16.20 0.09 -20.65
CA PHE A 694 15.50 1.34 -20.57
C PHE A 694 16.36 2.46 -21.01
N ALA A 695 15.72 3.56 -21.39
CA ALA A 695 16.47 4.71 -21.84
C ALA A 695 15.76 6.02 -21.50
N ASN A 696 16.55 7.04 -21.19
CA ASN A 696 16.01 8.36 -20.90
C ASN A 696 16.83 9.45 -21.58
N TRP A 697 16.15 10.15 -22.49
CA TRP A 697 16.76 11.07 -23.46
C TRP A 697 16.16 12.42 -23.06
N LYS A 698 17.08 13.33 -22.76
CA LYS A 698 16.76 14.67 -22.38
C LYS A 698 17.22 15.63 -23.45
N PRO A 699 16.39 15.85 -24.51
CA PRO A 699 16.89 16.48 -25.75
C PRO A 699 17.37 17.94 -25.58
N LEU A 700 16.82 18.65 -24.59
CA LEU A 700 17.20 20.05 -24.37
C LEU A 700 18.31 20.20 -23.37
N GLY A 701 18.92 19.09 -23.00
CA GLY A 701 19.99 19.11 -21.98
C GLY A 701 19.49 19.47 -20.59
N LYS A 702 18.17 19.35 -20.37
CA LYS A 702 17.62 19.67 -19.06
C LYS A 702 16.31 18.97 -18.77
N ASP A 703 15.81 19.20 -17.57
CA ASP A 703 14.78 18.33 -16.96
C ASP A 703 13.36 18.56 -17.47
N THR A 704 13.18 19.54 -18.36
CA THR A 704 11.84 19.94 -18.82
C THR A 704 11.26 19.07 -19.94
N LEU A 705 12.11 18.29 -20.60
CA LEU A 705 11.57 17.35 -21.60
C LEU A 705 12.25 16.00 -21.47
N ASN A 706 11.49 14.99 -21.11
CA ASN A 706 12.03 13.65 -21.13
C ASN A 706 11.32 12.85 -22.17
N VAL A 707 12.13 12.14 -22.95
CA VAL A 707 11.65 11.11 -23.81
C VAL A 707 12.21 9.76 -23.34
N ASN A 708 11.32 8.89 -22.87
CA ASN A 708 11.79 7.65 -22.31
C ASN A 708 11.36 6.46 -23.09
N LEU A 709 12.23 5.46 -23.12
CA LEU A 709 11.93 4.23 -23.81
C LEU A 709 12.25 3.04 -22.95
N SER A 710 11.32 2.09 -22.85
CA SER A 710 11.65 0.94 -22.07
C SER A 710 11.20 -0.34 -22.76
N VAL A 711 11.86 -1.45 -22.45
CA VAL A 711 11.36 -2.77 -22.78
C VAL A 711 11.42 -3.57 -21.49
N ASN A 712 10.26 -3.96 -20.96
CA ASN A 712 10.13 -4.66 -19.69
C ASN A 712 9.90 -6.13 -19.93
N ASN A 713 10.48 -6.96 -19.07
CA ASN A 713 10.44 -8.41 -19.28
C ASN A 713 10.89 -8.76 -20.71
N VAL A 714 12.10 -8.35 -21.09
CA VAL A 714 12.68 -8.53 -22.40
C VAL A 714 12.62 -9.97 -22.88
N PHE A 715 13.02 -10.93 -22.03
CA PHE A 715 12.90 -12.38 -22.33
C PHE A 715 11.47 -12.92 -22.31
N ASN A 716 10.50 -12.02 -22.01
CA ASN A 716 9.10 -12.44 -22.04
C ASN A 716 8.84 -13.68 -21.16
N THR A 717 9.50 -13.65 -19.97
CA THR A 717 9.34 -14.64 -18.91
C THR A 717 7.90 -14.81 -18.48
N PHE A 718 7.46 -16.03 -18.61
CA PHE A 718 6.22 -16.44 -18.05
C PHE A 718 6.51 -16.80 -16.57
N TYR A 719 5.83 -16.12 -15.64
CA TYR A 719 5.93 -16.42 -14.19
C TYR A 719 4.78 -15.86 -13.37
N TYR A 720 4.68 -16.32 -12.13
CA TYR A 720 3.77 -15.72 -11.13
C TYR A 720 4.46 -15.13 -9.94
N PRO A 721 4.23 -13.81 -9.73
CA PRO A 721 4.68 -13.08 -8.55
C PRO A 721 4.40 -13.94 -7.32
N HIS A 722 5.20 -13.73 -6.28
CA HIS A 722 4.98 -14.47 -5.03
C HIS A 722 3.96 -13.78 -4.07
N SER A 723 3.63 -12.51 -4.27
CA SER A 723 2.78 -11.85 -3.25
C SER A 723 1.26 -12.02 -3.47
N GLN A 724 0.80 -13.27 -3.45
CA GLN A 724 -0.54 -13.59 -3.94
C GLN A 724 -0.71 -15.04 -3.62
N ARG A 725 -1.82 -15.67 -3.96
CA ARG A 725 -1.98 -17.09 -3.67
C ARG A 725 -1.09 -17.91 -4.58
N TRP A 726 -0.75 -19.11 -4.13
CA TRP A 726 0.25 -19.95 -4.80
C TRP A 726 -0.20 -20.86 -5.95
N THR A 727 -1.50 -21.06 -6.05
CA THR A 727 -2.15 -21.82 -7.15
C THR A 727 -2.22 -20.78 -8.26
N ASN A 728 -2.07 -21.12 -9.52
CA ASN A 728 -1.53 -20.14 -10.51
C ASN A 728 -2.48 -19.00 -10.94
N THR A 729 -2.50 -17.94 -10.13
CA THR A 729 -3.60 -16.96 -10.18
C THR A 729 -3.57 -15.93 -11.34
N LEU A 730 -2.67 -14.94 -11.21
CA LEU A 730 -2.47 -13.89 -12.16
C LEU A 730 -0.97 -13.83 -12.47
N PRO A 731 -0.59 -14.04 -13.73
CA PRO A 731 0.84 -13.90 -14.08
C PRO A 731 1.36 -12.47 -14.10
N GLY A 732 2.66 -12.28 -14.03
CA GLY A 732 3.25 -11.02 -14.36
C GLY A 732 3.25 -10.72 -15.86
N VAL A 733 3.23 -9.43 -16.15
CA VAL A 733 3.15 -8.96 -17.49
C VAL A 733 4.30 -9.54 -18.27
N GLY A 734 4.00 -9.91 -19.52
CA GLY A 734 5.00 -10.43 -20.46
C GLY A 734 5.73 -9.25 -21.05
N ARG A 735 6.60 -9.48 -22.05
CA ARG A 735 7.38 -8.40 -22.62
C ARG A 735 6.39 -7.23 -22.78
N ASP A 736 6.83 -6.03 -22.43
CA ASP A 736 6.00 -4.83 -22.60
C ASP A 736 7.00 -3.87 -23.17
N VAL A 737 6.63 -3.17 -24.25
CA VAL A 737 7.45 -2.02 -24.66
C VAL A 737 6.68 -0.70 -24.53
N ARG A 738 7.43 0.33 -24.11
CA ARG A 738 6.84 1.54 -23.56
C ARG A 738 7.65 2.71 -24.05
N LEU A 739 6.91 3.72 -24.44
CA LEU A 739 7.47 4.95 -24.73
C LEU A 739 6.52 5.99 -24.11
N GLY A 740 7.14 6.93 -23.39
CA GLY A 740 6.50 7.99 -22.65
C GLY A 740 7.30 9.28 -22.88
N VAL A 741 6.54 10.37 -22.91
CA VAL A 741 7.10 11.70 -23.04
C VAL A 741 6.51 12.64 -22.01
N ASN A 742 7.31 13.54 -21.50
CA ASN A 742 6.79 14.55 -20.60
C ASN A 742 7.49 15.85 -20.89
N TYR A 743 6.75 16.93 -20.80
CA TYR A 743 7.18 18.21 -21.32
C TYR A 743 6.55 19.35 -20.53
N LYS A 744 7.39 20.09 -19.83
CA LYS A 744 6.99 21.24 -19.07
C LYS A 744 7.37 22.39 -19.96
N PHE A 745 6.59 23.47 -19.95
CA PHE A 745 7.04 24.69 -20.64
C PHE A 745 6.24 25.81 -20.04
FE FE B . -14.06 -16.69 -1.99
N1 IMD C . -11.82 -19.28 -4.35
C2 IMD C . -12.98 -18.59 -4.07
N3 IMD C . -12.97 -18.27 -2.73
C4 IMD C . -11.81 -18.73 -2.15
C5 IMD C . -11.09 -19.37 -3.19
#